data_5MZH
#
_entry.id   5MZH
#
_cell.length_a   62.767
_cell.length_b   62.767
_cell.length_c   460.472
_cell.angle_alpha   90.00
_cell.angle_beta   90.00
_cell.angle_gamma   120.00
#
_symmetry.space_group_name_H-M   'P 61'
#
loop_
_entity.id
_entity.type
_entity.pdbx_description
1 polymer 'Dynein assembly factor with WDR repeat domains 1'
2 non-polymer 'SULFATE ION'
3 water water
#
_entity_poly.entity_id   1
_entity_poly.type   'polypeptide(L)'
_entity_poly.pdbx_seq_one_letter_code
;MAAKLRKFLLRYYPPGIILQYERDGVMKQKPIDLLDLTPDVDVEVLLSQIIRQEPLISENRRPALRQLIHRLIDKMLEQQ
HHSFTLFKVLRAHILPLTNCAFNKSGDRFITGSYDRTCKVWNTFTGEEVFTLEGHKNVVYAIAFNNPYGDKIVTGSFDKT
CKLWDAYTGQLYYTLKGHQTEIVCLSFNPQSTIIATGSMDNTAKLWDVETGQERATLAGHRAEIVSLGFNTGGDLIVTGS
FDHDSRLWDVRTGQCVHVLSGHRGEVSSTQFNYAGTLVVSGSIDCTSRLWDVRSGRCLSVKQGHTDEVLDVAFDAAGTKM
VSASADGSARLYHTLTGVCQHTLVGHEGEISKVAFNPQGTRLITASSDKTCRLWDCDTGECLQVLEGHTDEIFSCAFNYE
GDFIITGSKDNTCRIWKALTASSQPAGPGGAGGGLARPTTAFSYNDHHHHHH
;
_entity_poly.pdbx_strand_id   A,B
#
loop_
_chem_comp.id
_chem_comp.type
_chem_comp.name
_chem_comp.formula
SO4 non-polymer 'SULFATE ION' 'O4 S -2'
#
# COMPACT_ATOMS: atom_id res chain seq x y z
N LYS A 4 16.90 11.57 32.23
CA LYS A 4 16.11 10.88 33.25
C LYS A 4 14.61 10.99 32.99
N LEU A 5 13.97 9.86 32.70
CA LEU A 5 12.55 9.85 32.35
C LEU A 5 11.68 10.14 33.56
N ARG A 6 10.73 11.06 33.38
CA ARG A 6 9.83 11.48 34.45
C ARG A 6 8.37 11.09 34.24
N LYS A 7 7.86 11.10 33.01
CA LYS A 7 6.45 10.83 32.78
C LYS A 7 6.26 10.18 31.42
N PHE A 8 5.19 9.40 31.31
CA PHE A 8 4.66 8.90 30.05
C PHE A 8 3.33 9.61 29.80
N LEU A 9 3.12 10.08 28.57
CA LEU A 9 1.81 10.60 28.21
C LEU A 9 1.35 9.92 26.94
N LEU A 10 0.07 9.56 26.93
CA LEU A 10 -0.54 8.86 25.80
C LEU A 10 -0.99 9.87 24.75
N ARG A 11 -0.73 9.57 23.49
CA ARG A 11 -1.22 10.35 22.36
C ARG A 11 -2.09 9.47 21.50
N TYR A 12 -3.32 9.89 21.22
CA TYR A 12 -4.25 9.01 20.56
C TYR A 12 -4.27 9.18 19.05
N TYR A 13 -3.98 10.37 18.55
CA TYR A 13 -4.20 10.69 17.15
C TYR A 13 -3.03 11.42 16.53
N PRO A 14 -2.12 10.69 15.85
CA PRO A 14 -2.06 9.24 15.67
C PRO A 14 -1.48 8.58 16.93
N PRO A 15 -1.59 7.25 17.05
CA PRO A 15 -1.10 6.59 18.26
C PRO A 15 0.36 6.93 18.51
N GLY A 16 0.71 7.02 19.78
CA GLY A 16 2.07 7.34 20.17
C GLY A 16 2.15 7.41 21.68
N ILE A 17 3.39 7.46 22.17
CA ILE A 17 3.67 7.63 23.59
C ILE A 17 4.74 8.70 23.74
N ILE A 18 4.47 9.70 24.58
CA ILE A 18 5.33 10.84 24.75
C ILE A 18 6.18 10.66 26.00
N LEU A 19 7.47 10.97 25.89
CA LEU A 19 8.44 10.74 26.95
C LEU A 19 8.79 12.08 27.59
N GLN A 20 8.34 12.28 28.82
CA GLN A 20 8.71 13.45 29.61
C GLN A 20 9.89 13.08 30.50
N TYR A 21 10.89 13.96 30.57
CA TYR A 21 12.19 13.68 31.17
C TYR A 21 12.59 14.82 32.13
N GLU A 22 13.79 14.67 32.71
CA GLU A 22 14.53 15.79 33.30
C GLU A 22 15.95 15.77 32.73
N ARG A 23 16.41 16.90 32.22
CA ARG A 23 17.80 17.05 31.78
C ARG A 23 18.40 18.40 32.16
N VAL A 26 14.14 21.59 32.86
CA VAL A 26 13.91 21.71 31.43
C VAL A 26 13.12 20.50 30.91
N MET A 27 12.14 20.74 30.04
CA MET A 27 11.27 19.67 29.51
C MET A 27 11.12 19.75 27.99
N LYS A 28 11.88 18.95 27.23
CA LYS A 28 11.42 18.53 25.91
C LYS A 28 10.43 17.37 26.08
N GLN A 29 9.92 16.89 24.95
CA GLN A 29 9.16 15.65 24.90
C GLN A 29 9.64 14.87 23.69
N LYS A 30 9.94 13.59 23.87
CA LYS A 30 10.43 12.76 22.77
C LYS A 30 9.36 11.74 22.41
N PRO A 31 8.88 11.70 21.16
CA PRO A 31 7.73 10.84 20.83
C PRO A 31 8.07 9.44 20.34
N ILE A 32 7.32 8.47 20.84
CA ILE A 32 7.33 7.10 20.33
C ILE A 32 6.10 6.98 19.43
N ASP A 33 6.30 7.01 18.12
CA ASP A 33 5.20 7.02 17.15
C ASP A 33 4.79 5.59 16.84
N LEU A 34 3.54 5.25 17.15
CA LEU A 34 3.00 3.91 16.87
C LEU A 34 2.00 4.01 15.72
N LEU A 35 2.51 4.35 14.53
CA LEU A 35 1.65 4.69 13.39
C LEU A 35 0.96 3.46 12.81
N ASP A 36 1.65 2.32 12.78
CA ASP A 36 1.10 1.04 12.31
C ASP A 36 0.61 0.15 13.45
N LEU A 37 -0.21 0.68 14.33
CA LEU A 37 -0.74 -0.09 15.45
C LEU A 37 -2.14 -0.55 15.05
N THR A 38 -2.32 -1.85 14.92
CA THR A 38 -3.60 -2.50 14.74
C THR A 38 -4.01 -3.22 16.03
N PRO A 39 -5.31 -3.45 16.26
CA PRO A 39 -5.71 -4.15 17.49
C PRO A 39 -5.08 -5.53 17.67
N ASP A 40 -4.71 -6.22 16.59
CA ASP A 40 -4.11 -7.55 16.72
C ASP A 40 -2.60 -7.51 16.93
N VAL A 41 -2.05 -6.35 17.33
CA VAL A 41 -0.62 -6.26 17.54
C VAL A 41 -0.19 -7.24 18.62
N ASP A 42 0.92 -7.94 18.36
CA ASP A 42 1.60 -8.74 19.37
C ASP A 42 2.30 -7.80 20.34
N VAL A 43 1.77 -7.70 21.57
CA VAL A 43 2.16 -6.60 22.43
C VAL A 43 3.58 -6.77 22.97
N GLU A 44 4.03 -8.00 23.18
CA GLU A 44 5.30 -8.18 23.87
C GLU A 44 6.46 -7.84 22.94
N VAL A 45 6.35 -8.19 21.65
CA VAL A 45 7.37 -7.80 20.67
C VAL A 45 7.45 -6.28 20.56
N LEU A 46 6.30 -5.62 20.50
CA LEU A 46 6.28 -4.17 20.43
C LEU A 46 6.87 -3.54 21.68
N LEU A 47 6.49 -4.04 22.87
CA LEU A 47 7.06 -3.54 24.12
C LEU A 47 8.56 -3.74 24.16
N SER A 48 9.02 -4.89 23.67
CA SER A 48 10.44 -5.21 23.75
C SER A 48 11.26 -4.29 22.85
N GLN A 49 10.75 -3.98 21.65
CA GLN A 49 11.50 -3.11 20.77
C GLN A 49 11.43 -1.65 21.22
N ILE A 50 10.39 -1.26 21.95
CA ILE A 50 10.34 0.09 22.52
C ILE A 50 11.43 0.26 23.59
N ILE A 51 11.52 -0.68 24.53
CA ILE A 51 12.52 -0.58 25.59
C ILE A 51 13.92 -0.69 24.99
N ARG A 52 14.08 -1.46 23.92
CA ARG A 52 15.39 -1.60 23.29
C ARG A 52 15.79 -0.33 22.56
N GLN A 53 14.88 0.21 21.75
CA GLN A 53 15.19 1.39 20.94
C GLN A 53 15.47 2.61 21.80
N GLU A 54 14.85 2.70 22.97
CA GLU A 54 14.91 3.91 23.77
C GLU A 54 15.81 3.75 24.99
N PRO A 55 16.92 4.47 25.07
CA PRO A 55 17.81 4.31 26.21
C PRO A 55 17.25 4.94 27.48
N LEU A 56 16.28 5.84 27.37
CA LEU A 56 15.64 6.43 28.54
C LEU A 56 14.58 5.53 29.16
N ILE A 57 14.21 4.43 28.51
CA ILE A 57 13.18 3.51 28.98
C ILE A 57 13.85 2.21 29.41
N SER A 58 13.78 1.92 30.71
CA SER A 58 14.38 0.74 31.31
C SER A 58 13.38 -0.40 31.39
N GLU A 59 13.89 -1.60 31.69
CA GLU A 59 13.04 -2.80 31.67
C GLU A 59 11.89 -2.69 32.66
N ASN A 60 12.11 -1.99 33.79
CA ASN A 60 11.09 -1.98 34.83
C ASN A 60 9.83 -1.20 34.45
N ARG A 61 9.89 -0.39 33.40
CA ARG A 61 8.76 0.37 32.90
C ARG A 61 7.83 -0.44 32.00
N ARG A 62 8.14 -1.70 31.74
CA ARG A 62 7.32 -2.51 30.84
C ARG A 62 5.87 -2.67 31.29
N PRO A 63 5.54 -2.81 32.60
CA PRO A 63 4.12 -2.87 32.97
C PRO A 63 3.35 -1.60 32.64
N ALA A 64 3.97 -0.43 32.83
CA ALA A 64 3.34 0.84 32.46
C ALA A 64 3.16 0.91 30.95
N LEU A 65 4.21 0.63 30.20
CA LEU A 65 4.14 0.62 28.74
C LEU A 65 2.99 -0.28 28.26
N ARG A 66 2.82 -1.43 28.91
CA ARG A 66 1.78 -2.36 28.49
C ARG A 66 0.38 -1.76 28.63
N GLN A 67 0.08 -1.08 29.75
CA GLN A 67 -1.27 -0.54 29.93
C GLN A 67 -1.55 0.63 28.99
N LEU A 68 -0.54 1.45 28.73
CA LEU A 68 -0.67 2.52 27.74
C LEU A 68 -1.04 1.96 26.37
N ILE A 69 -0.33 0.93 25.93
CA ILE A 69 -0.62 0.35 24.62
C ILE A 69 -2.00 -0.29 24.61
N HIS A 70 -2.41 -0.89 25.73
CA HIS A 70 -3.77 -1.42 25.81
C HIS A 70 -4.82 -0.32 25.72
N ARG A 71 -4.57 0.86 26.31
CA ARG A 71 -5.51 1.97 26.14
C ARG A 71 -5.58 2.42 24.68
N LEU A 72 -4.44 2.43 23.96
CA LEU A 72 -4.45 2.74 22.54
C LEU A 72 -5.23 1.72 21.73
N ILE A 73 -5.04 0.43 22.04
CA ILE A 73 -5.79 -0.63 21.35
C ILE A 73 -7.27 -0.57 21.71
N ASP A 74 -7.58 -0.39 23.00
CA ASP A 74 -8.97 -0.26 23.43
C ASP A 74 -9.66 0.96 22.82
N LYS A 75 -8.89 1.91 22.31
CA LYS A 75 -9.43 3.12 21.74
C LYS A 75 -9.79 2.95 20.27
N MET A 76 -9.10 2.05 19.55
CA MET A 76 -9.46 1.75 18.18
C MET A 76 -10.69 0.85 18.07
N LEU A 77 -11.16 0.29 19.19
CA LEU A 77 -12.25 -0.67 19.22
C LEU A 77 -13.61 -0.07 19.59
N GLU A 78 -13.72 1.26 19.65
CA GLU A 78 -14.98 1.94 19.99
C GLU A 78 -15.98 2.02 18.82
N PHE A 84 -22.65 16.48 13.54
CA PHE A 84 -23.36 15.24 13.35
C PHE A 84 -24.80 15.54 13.74
N THR A 85 -24.94 16.46 14.69
CA THR A 85 -26.16 17.21 14.95
C THR A 85 -25.72 18.66 15.05
N LEU A 86 -26.60 19.56 14.66
CA LEU A 86 -26.20 20.96 14.56
C LEU A 86 -26.01 21.57 15.94
N PHE A 87 -24.81 22.06 16.22
CA PHE A 87 -24.56 22.70 17.50
C PHE A 87 -24.81 24.20 17.45
N LYS A 88 -24.33 24.87 16.41
CA LYS A 88 -24.52 26.30 16.35
C LYS A 88 -24.32 26.79 14.92
N VAL A 89 -25.08 27.82 14.57
CA VAL A 89 -24.94 28.53 13.30
C VAL A 89 -24.55 29.96 13.62
N LEU A 90 -23.58 30.49 12.90
CA LEU A 90 -23.03 31.79 13.24
C LEU A 90 -22.74 32.56 11.96
N ARG A 91 -23.34 33.75 11.83
CA ARG A 91 -23.03 34.63 10.70
C ARG A 91 -21.80 35.44 11.08
N ALA A 92 -20.70 35.19 10.38
CA ALA A 92 -19.41 35.70 10.84
C ALA A 92 -19.21 37.15 10.41
N HIS A 93 -19.51 37.44 9.15
CA HIS A 93 -19.23 38.73 8.52
C HIS A 93 -20.38 39.06 7.58
N ILE A 94 -20.48 40.32 7.19
CA ILE A 94 -21.41 40.69 6.13
C ILE A 94 -20.76 40.59 4.76
N LEU A 95 -19.54 41.11 4.63
CA LEU A 95 -18.72 40.96 3.43
C LEU A 95 -18.12 39.55 3.37
N PRO A 96 -17.69 39.11 2.19
CA PRO A 96 -17.37 37.69 1.98
C PRO A 96 -16.47 37.09 3.04
N LEU A 97 -16.93 35.95 3.58
CA LEU A 97 -16.09 35.12 4.44
C LEU A 97 -15.10 34.36 3.57
N THR A 98 -13.82 34.41 3.95
CA THR A 98 -12.72 33.81 3.20
C THR A 98 -12.16 32.54 3.84
N ASN A 99 -12.19 32.41 5.15
CA ASN A 99 -11.50 31.31 5.79
C ASN A 99 -12.02 31.19 7.21
N CYS A 100 -11.86 30.00 7.78
CA CYS A 100 -12.21 29.76 9.17
C CYS A 100 -11.39 28.58 9.69
N ALA A 101 -11.09 28.60 10.98
CA ALA A 101 -10.18 27.62 11.52
C ALA A 101 -10.42 27.45 13.03
N PHE A 102 -10.47 26.19 13.49
CA PHE A 102 -10.51 25.83 14.91
C PHE A 102 -9.16 26.00 15.61
N ASN A 103 -9.22 26.11 16.93
CA ASN A 103 -8.03 25.87 17.72
C ASN A 103 -7.94 24.37 17.99
N LYS A 104 -7.00 23.95 18.85
CA LYS A 104 -6.85 22.53 19.10
C LYS A 104 -8.14 21.93 19.63
N SER A 105 -8.68 22.53 20.72
CA SER A 105 -9.89 22.02 21.38
C SER A 105 -11.15 22.22 20.57
N GLY A 106 -11.25 23.33 19.84
CA GLY A 106 -12.48 23.68 19.18
C GLY A 106 -13.31 24.71 19.92
N ASP A 107 -12.95 25.07 21.14
CA ASP A 107 -13.72 26.06 21.90
C ASP A 107 -13.43 27.49 21.43
N ARG A 108 -12.64 27.66 20.36
CA ARG A 108 -12.50 28.94 19.70
C ARG A 108 -12.33 28.68 18.21
N PHE A 109 -12.82 29.62 17.40
CA PHE A 109 -12.50 29.59 15.99
C PHE A 109 -12.35 31.01 15.47
N ILE A 110 -11.59 31.14 14.40
CA ILE A 110 -11.29 32.41 13.78
C ILE A 110 -11.88 32.44 12.39
N THR A 111 -12.27 33.63 11.95
CA THR A 111 -12.77 33.88 10.60
C THR A 111 -12.08 35.11 10.04
N GLY A 112 -11.83 35.09 8.73
CA GLY A 112 -11.33 36.25 7.99
C GLY A 112 -12.27 36.65 6.86
N SER A 113 -12.16 37.89 6.35
CA SER A 113 -13.18 38.36 5.43
C SER A 113 -12.65 39.42 4.49
N TYR A 114 -13.47 39.75 3.50
CA TYR A 114 -13.27 40.91 2.63
C TYR A 114 -13.46 42.23 3.37
N ASP A 115 -13.87 42.23 4.64
CA ASP A 115 -13.94 43.46 5.41
C ASP A 115 -12.62 43.76 6.13
N ARG A 116 -11.55 43.04 5.80
CA ARG A 116 -10.18 43.32 6.24
C ARG A 116 -9.99 43.02 7.73
N THR A 117 -10.81 42.13 8.30
CA THR A 117 -10.69 41.74 9.69
C THR A 117 -10.58 40.24 9.83
N CYS A 118 -10.08 39.83 10.99
CA CYS A 118 -10.18 38.47 11.48
C CYS A 118 -10.86 38.54 12.84
N LYS A 119 -11.96 37.84 12.98
CA LYS A 119 -12.67 37.77 14.25
C LYS A 119 -12.31 36.47 14.99
N VAL A 120 -12.24 36.56 16.31
CA VAL A 120 -12.06 35.39 17.18
C VAL A 120 -13.39 35.12 17.87
N TRP A 121 -13.89 33.89 17.73
CA TRP A 121 -15.23 33.52 18.21
C TRP A 121 -15.14 32.51 19.34
N ASN A 122 -16.07 32.64 20.30
CA ASN A 122 -16.30 31.66 21.35
C ASN A 122 -17.33 30.67 20.80
N THR A 123 -16.88 29.47 20.46
CA THR A 123 -17.80 28.57 19.77
C THR A 123 -18.90 28.06 20.67
N PHE A 124 -18.71 28.06 21.98
CA PHE A 124 -19.78 27.66 22.90
C PHE A 124 -20.87 28.74 22.97
N THR A 125 -20.48 29.99 23.22
CA THR A 125 -21.44 31.06 23.45
C THR A 125 -21.81 31.83 22.20
N GLY A 126 -21.00 31.75 21.14
CA GLY A 126 -21.20 32.54 19.94
C GLY A 126 -20.69 33.96 20.03
N GLU A 127 -19.95 34.29 21.09
CA GLU A 127 -19.48 35.64 21.31
C GLU A 127 -18.28 35.94 20.43
N GLU A 128 -18.30 37.12 19.83
CA GLU A 128 -17.16 37.59 19.05
C GLU A 128 -16.18 38.19 20.04
N VAL A 129 -15.14 37.44 20.37
CA VAL A 129 -14.26 37.85 21.46
C VAL A 129 -13.39 39.04 21.05
N PHE A 130 -12.80 38.96 19.86
CA PHE A 130 -11.94 40.03 19.36
C PHE A 130 -12.29 40.29 17.90
N THR A 131 -12.01 41.52 17.45
CA THR A 131 -11.98 41.88 16.04
C THR A 131 -10.58 42.41 15.75
N LEU A 132 -9.80 41.64 15.00
CA LEU A 132 -8.43 42.00 14.69
C LEU A 132 -8.43 42.90 13.47
N GLU A 133 -8.05 44.17 13.66
CA GLU A 133 -8.12 45.20 12.65
C GLU A 133 -6.75 45.80 12.38
N GLY A 134 -6.58 46.31 11.18
CA GLY A 134 -5.36 46.98 10.80
C GLY A 134 -4.98 46.65 9.38
N HIS A 135 -5.41 45.48 8.90
CA HIS A 135 -5.15 45.12 7.51
C HIS A 135 -5.93 46.06 6.60
N LYS A 136 -5.37 46.29 5.41
CA LYS A 136 -5.94 47.23 4.47
C LYS A 136 -6.51 46.56 3.24
N ASN A 137 -6.61 45.24 3.24
CA ASN A 137 -7.17 44.48 2.12
C ASN A 137 -7.70 43.17 2.68
N VAL A 138 -8.19 42.32 1.78
CA VAL A 138 -8.80 41.04 2.13
C VAL A 138 -7.88 40.26 3.03
N VAL A 139 -8.38 39.85 4.19
CA VAL A 139 -7.68 38.87 5.02
C VAL A 139 -8.03 37.50 4.45
N TYR A 140 -7.04 36.84 3.86
CA TYR A 140 -7.33 35.67 3.05
C TYR A 140 -6.99 34.37 3.76
N ALA A 141 -5.84 34.30 4.42
CA ALA A 141 -5.42 33.10 5.13
C ALA A 141 -5.28 33.44 6.61
N ILE A 142 -5.79 32.56 7.47
CA ILE A 142 -5.63 32.72 8.91
C ILE A 142 -5.21 31.36 9.45
N ALA A 143 -4.61 31.39 10.65
CA ALA A 143 -4.17 30.15 11.27
C ALA A 143 -3.93 30.39 12.75
N PHE A 144 -4.17 29.36 13.56
CA PHE A 144 -3.77 29.24 14.95
C PHE A 144 -2.41 28.56 15.02
N ASN A 145 -1.65 28.84 16.08
CA ASN A 145 -0.45 28.05 16.36
C ASN A 145 -0.89 26.78 17.07
N ASN A 146 -1.35 25.82 16.28
CA ASN A 146 -2.45 25.00 16.76
C ASN A 146 -2.13 23.65 17.37
N PRO A 147 -1.09 23.53 18.17
CA PRO A 147 -1.26 22.81 19.42
C PRO A 147 -1.64 23.80 20.53
N TYR A 148 -1.04 25.00 20.53
CA TYR A 148 -1.14 25.93 21.66
C TYR A 148 -2.35 26.85 21.60
N GLY A 149 -2.55 27.52 20.47
CA GLY A 149 -3.72 28.32 20.26
C GLY A 149 -3.70 29.70 20.87
N ASP A 150 -2.55 30.18 21.35
CA ASP A 150 -2.46 31.50 21.98
C ASP A 150 -1.99 32.59 21.01
N LYS A 151 -1.64 32.26 19.77
CA LYS A 151 -1.26 33.26 18.80
C LYS A 151 -2.01 33.00 17.50
N ILE A 152 -2.25 34.08 16.76
CA ILE A 152 -3.02 34.05 15.53
C ILE A 152 -2.22 34.78 14.47
N VAL A 153 -2.15 34.19 13.29
CA VAL A 153 -1.48 34.81 12.16
C VAL A 153 -2.53 35.10 11.09
N THR A 154 -2.56 36.35 10.58
CA THR A 154 -3.44 36.73 9.48
C THR A 154 -2.63 37.17 8.26
N GLY A 155 -2.95 36.60 7.10
CA GLY A 155 -2.30 36.94 5.84
C GLY A 155 -3.28 37.59 4.87
N SER A 156 -2.88 38.73 4.34
CA SER A 156 -3.83 39.57 3.63
C SER A 156 -3.33 39.89 2.22
N PHE A 157 -4.26 40.39 1.40
CA PHE A 157 -3.89 40.83 0.06
C PHE A 157 -3.14 42.16 0.06
N ASP A 158 -3.05 42.86 1.19
CA ASP A 158 -2.23 44.07 1.29
C ASP A 158 -0.74 43.74 1.47
N LYS A 159 -0.31 42.54 1.08
CA LYS A 159 1.07 42.06 1.04
C LYS A 159 1.67 41.81 2.42
N THR A 160 0.85 41.77 3.46
CA THR A 160 1.36 41.82 4.83
C THR A 160 0.72 40.72 5.65
N CYS A 161 1.46 40.32 6.68
CA CYS A 161 1.02 39.30 7.61
C CYS A 161 1.12 39.86 9.03
N LYS A 162 0.07 39.68 9.83
CA LYS A 162 0.07 40.20 11.19
C LYS A 162 0.04 39.07 12.21
N LEU A 163 0.75 39.26 13.33
CA LEU A 163 0.81 38.29 14.39
C LEU A 163 0.10 38.86 15.62
N TRP A 164 -0.83 38.10 16.16
CA TRP A 164 -1.70 38.55 17.24
C TRP A 164 -1.61 37.60 18.41
N ASP A 165 -2.02 38.10 19.58
CA ASP A 165 -2.22 37.26 20.75
C ASP A 165 -3.67 36.82 20.78
N ALA A 166 -3.91 35.52 20.90
CA ALA A 166 -5.28 35.02 20.81
C ALA A 166 -6.07 35.32 22.07
N TYR A 167 -5.40 35.54 23.19
CA TYR A 167 -6.06 35.78 24.47
C TYR A 167 -6.31 37.24 24.76
N THR A 168 -5.42 38.14 24.34
CA THR A 168 -5.64 39.57 24.52
C THR A 168 -6.15 40.27 23.25
N GLY A 169 -6.02 39.64 22.09
CA GLY A 169 -6.33 40.32 20.85
C GLY A 169 -5.26 41.28 20.41
N GLN A 170 -4.13 41.32 21.10
CA GLN A 170 -3.08 42.31 20.88
C GLN A 170 -2.27 41.94 19.65
N LEU A 171 -1.88 42.96 18.88
CA LEU A 171 -1.01 42.78 17.72
C LEU A 171 0.45 42.72 18.15
N TYR A 172 1.13 41.62 17.84
CA TYR A 172 2.56 41.58 18.10
C TYR A 172 3.34 42.28 16.99
N TYR A 173 3.24 41.77 15.77
CA TYR A 173 4.10 42.20 14.69
C TYR A 173 3.33 42.32 13.38
N THR A 174 3.86 43.16 12.49
CA THR A 174 3.46 43.25 11.09
C THR A 174 4.65 42.82 10.26
N LEU A 175 4.47 41.75 9.49
CA LEU A 175 5.54 41.16 8.70
C LEU A 175 5.50 41.71 7.27
N LYS A 176 6.46 42.58 6.92
CA LYS A 176 6.53 43.16 5.60
C LYS A 176 7.75 42.65 4.84
N GLY A 177 7.57 42.43 3.53
CA GLY A 177 8.65 42.00 2.66
C GLY A 177 8.12 41.41 1.36
N HIS A 178 6.96 40.76 1.42
CA HIS A 178 6.36 40.27 0.19
C HIS A 178 5.94 41.45 -0.67
N GLN A 179 6.06 41.26 -1.97
CA GLN A 179 5.74 42.29 -2.96
C GLN A 179 4.33 42.15 -3.51
N THR A 180 3.64 41.09 -3.13
CA THR A 180 2.36 40.73 -3.73
C THR A 180 1.52 40.06 -2.65
N GLU A 181 0.27 39.74 -2.98
CA GLU A 181 -0.67 39.22 -2.01
C GLU A 181 -0.11 38.00 -1.28
N ILE A 182 -0.43 37.90 0.00
CA ILE A 182 -0.16 36.69 0.76
C ILE A 182 -1.41 35.82 0.68
N VAL A 183 -1.23 34.56 0.30
CA VAL A 183 -2.35 33.67 -0.02
C VAL A 183 -2.37 32.40 0.81
N CYS A 184 -1.29 32.06 1.51
CA CYS A 184 -1.30 30.93 2.42
C CYS A 184 -0.25 31.18 3.48
N LEU A 185 -0.41 30.53 4.62
CA LEU A 185 0.53 30.68 5.72
C LEU A 185 0.36 29.51 6.68
N SER A 186 1.30 29.40 7.61
CA SER A 186 1.26 28.41 8.67
C SER A 186 2.35 28.71 9.68
N PHE A 187 2.03 28.55 10.96
CA PHE A 187 3.07 28.37 11.97
C PHE A 187 3.74 27.02 11.77
N ASN A 188 4.94 26.86 12.35
CA ASN A 188 5.51 25.53 12.44
C ASN A 188 4.95 24.82 13.68
N PRO A 189 5.11 23.50 13.76
CA PRO A 189 4.61 22.78 14.95
C PRO A 189 5.06 23.35 16.28
N GLN A 190 6.30 23.81 16.38
CA GLN A 190 6.84 24.37 17.62
C GLN A 190 6.46 25.82 17.81
N SER A 191 5.80 26.42 16.81
CA SER A 191 5.30 27.80 16.90
C SER A 191 6.45 28.77 17.15
N THR A 192 7.58 28.50 16.48
CA THR A 192 8.73 29.40 16.51
C THR A 192 8.94 30.13 15.19
N ILE A 193 8.36 29.64 14.09
CA ILE A 193 8.59 30.21 12.76
C ILE A 193 7.25 30.33 12.06
N ILE A 194 7.01 31.46 11.42
CA ILE A 194 5.88 31.65 10.54
C ILE A 194 6.34 31.53 9.10
N ALA A 195 5.54 30.85 8.27
CA ALA A 195 5.77 30.76 6.84
C ALA A 195 4.61 31.42 6.11
N THR A 196 4.94 32.28 5.13
CA THR A 196 3.96 32.93 4.30
C THR A 196 4.32 32.63 2.86
N GLY A 197 3.35 32.20 2.07
CA GLY A 197 3.53 31.99 0.64
C GLY A 197 2.73 33.05 -0.09
N SER A 198 3.30 33.56 -1.18
CA SER A 198 2.69 34.72 -1.82
C SER A 198 2.57 34.53 -3.32
N MET A 199 1.84 35.43 -3.93
CA MET A 199 1.74 35.52 -5.37
C MET A 199 2.93 36.22 -6.01
N ASP A 200 3.90 36.65 -5.20
CA ASP A 200 5.18 37.08 -5.74
C ASP A 200 6.11 35.90 -6.02
N ASN A 201 5.59 34.67 -5.98
CA ASN A 201 6.29 33.42 -6.28
C ASN A 201 7.30 33.01 -5.21
N THR A 202 7.34 33.68 -4.06
CA THR A 202 8.26 33.33 -2.99
C THR A 202 7.50 32.97 -1.72
N ALA A 203 8.14 32.12 -0.92
CA ALA A 203 7.81 31.96 0.49
C ALA A 203 8.85 32.66 1.34
N LYS A 204 8.43 33.03 2.54
CA LYS A 204 9.29 33.68 3.51
C LYS A 204 9.07 32.99 4.86
N LEU A 205 10.14 32.85 5.62
CA LEU A 205 10.09 32.30 6.97
C LEU A 205 10.40 33.42 7.94
N TRP A 206 9.59 33.54 8.98
CA TRP A 206 9.73 34.62 9.95
C TRP A 206 9.88 34.01 11.33
N ASP A 207 10.54 34.72 12.23
CA ASP A 207 10.75 34.25 13.59
C ASP A 207 9.66 34.84 14.49
N VAL A 208 8.98 33.97 15.23
CA VAL A 208 7.79 34.39 15.96
C VAL A 208 8.18 35.27 17.14
N GLU A 209 9.28 34.97 17.82
CA GLU A 209 9.54 35.72 19.03
C GLU A 209 10.11 37.10 18.73
N THR A 210 10.82 37.25 17.61
CA THR A 210 11.43 38.52 17.20
C THR A 210 10.70 39.23 16.08
N GLY A 211 9.88 38.52 15.30
CA GLY A 211 9.23 39.11 14.15
C GLY A 211 10.13 39.34 12.95
N GLN A 212 11.42 39.11 13.07
CA GLN A 212 12.32 39.43 11.99
C GLN A 212 12.27 38.32 10.95
N GLU A 213 12.41 38.72 9.68
CA GLU A 213 12.41 37.74 8.62
C GLU A 213 13.64 36.85 8.74
N ARG A 214 13.43 35.57 8.58
CA ARG A 214 14.46 34.59 8.81
C ARG A 214 15.06 34.07 7.51
N ALA A 215 14.25 34.00 6.45
CA ALA A 215 14.73 33.54 5.15
C ALA A 215 13.67 33.81 4.10
N THR A 216 14.11 33.97 2.86
CA THR A 216 13.21 34.00 1.71
C THR A 216 13.47 32.78 0.84
N LEU A 217 12.43 32.00 0.58
CA LEU A 217 12.52 30.75 -0.20
C LEU A 217 12.13 31.06 -1.64
N ALA A 218 13.13 31.32 -2.47
CA ALA A 218 12.91 31.71 -3.85
C ALA A 218 13.22 30.54 -4.78
N GLY A 219 12.56 30.53 -5.93
CA GLY A 219 12.84 29.53 -6.92
C GLY A 219 11.63 29.11 -7.74
N HIS A 220 10.44 29.16 -7.16
CA HIS A 220 9.23 28.91 -7.91
C HIS A 220 9.05 30.00 -8.95
N ARG A 221 8.43 29.65 -10.08
N ARG A 221 8.43 29.63 -10.07
CA ARG A 221 8.23 30.57 -11.18
CA ARG A 221 8.21 30.53 -11.19
C ARG A 221 6.86 31.23 -11.17
C ARG A 221 6.77 31.00 -11.30
N ALA A 222 5.99 30.87 -10.23
CA ALA A 222 4.61 31.33 -10.20
C ALA A 222 4.11 31.23 -8.77
N GLU A 223 2.88 31.68 -8.56
CA GLU A 223 2.33 31.89 -7.22
C GLU A 223 2.45 30.62 -6.37
N ILE A 224 2.63 30.82 -5.07
CA ILE A 224 2.60 29.74 -4.09
C ILE A 224 1.20 29.65 -3.51
N VAL A 225 0.47 28.57 -3.84
CA VAL A 225 -0.91 28.35 -3.39
C VAL A 225 -1.02 27.58 -2.07
N SER A 226 0.00 26.82 -1.69
CA SER A 226 -0.10 25.82 -0.63
C SER A 226 1.20 25.79 0.16
N LEU A 227 1.09 25.56 1.48
CA LEU A 227 2.23 25.42 2.38
C LEU A 227 2.08 24.18 3.27
N GLY A 228 3.12 23.94 4.06
CA GLY A 228 3.11 22.90 5.06
C GLY A 228 4.48 22.57 5.64
N PHE A 229 4.58 22.60 6.96
CA PHE A 229 5.71 22.06 7.70
C PHE A 229 5.51 20.57 7.95
N ASN A 230 6.62 19.87 8.16
CA ASN A 230 6.56 18.49 8.61
C ASN A 230 6.45 18.45 10.12
N THR A 231 6.11 17.26 10.65
CA THR A 231 5.85 17.12 12.08
C THR A 231 6.97 17.66 12.95
N GLY A 232 8.20 17.60 12.48
CA GLY A 232 9.35 18.08 13.21
C GLY A 232 9.74 19.52 12.94
N GLY A 233 9.02 20.23 12.05
CA GLY A 233 9.33 21.60 11.70
C GLY A 233 10.66 21.71 10.99
N ASP A 234 11.15 20.56 10.51
CA ASP A 234 12.45 20.36 9.89
C ASP A 234 12.47 20.81 8.45
N LEU A 235 11.36 20.61 7.74
CA LEU A 235 11.24 20.84 6.31
C LEU A 235 9.95 21.61 6.09
N ILE A 236 9.82 22.21 4.92
CA ILE A 236 8.55 22.82 4.52
C ILE A 236 8.33 22.55 3.03
N VAL A 237 7.11 22.13 2.65
CA VAL A 237 6.71 21.99 1.26
C VAL A 237 5.88 23.18 0.82
N THR A 238 6.05 23.59 -0.43
CA THR A 238 5.23 24.64 -1.04
C THR A 238 4.67 24.11 -2.34
N GLY A 239 3.37 24.23 -2.54
CA GLY A 239 2.75 23.91 -3.82
C GLY A 239 2.56 25.18 -4.63
N SER A 240 2.78 25.09 -5.94
CA SER A 240 2.89 26.30 -6.73
C SER A 240 2.15 26.17 -8.05
N PHE A 241 1.71 27.31 -8.58
CA PHE A 241 1.10 27.33 -9.90
C PHE A 241 2.07 27.01 -11.02
N ASP A 242 3.38 26.94 -10.75
CA ASP A 242 4.31 26.61 -11.80
C ASP A 242 4.39 25.12 -12.08
N HIS A 243 3.46 24.33 -11.53
CA HIS A 243 3.28 22.88 -11.64
C HIS A 243 4.13 22.11 -10.66
N ASP A 244 5.00 22.78 -9.89
CA ASP A 244 5.90 22.11 -8.98
C ASP A 244 5.49 22.35 -7.53
N SER A 245 5.94 21.44 -6.68
CA SER A 245 6.07 21.68 -5.26
C SER A 245 7.55 21.55 -4.94
N ARG A 246 7.98 22.20 -3.87
CA ARG A 246 9.39 22.26 -3.54
C ARG A 246 9.56 21.90 -2.08
N LEU A 247 10.56 21.09 -1.79
CA LEU A 247 10.92 20.75 -0.43
C LEU A 247 12.07 21.64 0.01
N TRP A 248 11.92 22.29 1.16
CA TRP A 248 12.91 23.24 1.66
C TRP A 248 13.30 22.87 3.08
N ASP A 249 14.56 23.08 3.40
CA ASP A 249 15.06 22.87 4.75
C ASP A 249 14.88 24.17 5.52
N VAL A 250 14.19 24.10 6.67
CA VAL A 250 13.80 25.32 7.35
C VAL A 250 15.01 26.02 7.97
N ARG A 251 16.05 25.28 8.25
CA ARG A 251 17.20 25.84 8.94
C ARG A 251 18.22 26.42 7.97
N THR A 252 18.54 25.71 6.88
CA THR A 252 19.45 26.22 5.87
C THR A 252 18.78 27.25 4.96
N GLY A 253 17.48 27.12 4.73
CA GLY A 253 16.78 27.99 3.81
C GLY A 253 16.87 27.56 2.37
N GLN A 254 17.39 26.36 2.11
CA GLN A 254 17.68 25.88 0.77
C GLN A 254 16.64 24.87 0.30
N CYS A 255 16.43 24.84 -1.00
CA CYS A 255 15.58 23.81 -1.60
C CYS A 255 16.32 22.49 -1.65
N VAL A 256 15.72 21.45 -1.11
CA VAL A 256 16.32 20.12 -1.11
C VAL A 256 15.77 19.32 -2.27
N HIS A 257 14.50 19.52 -2.64
CA HIS A 257 13.97 18.82 -3.79
C HIS A 257 12.93 19.64 -4.52
N VAL A 258 12.92 19.50 -5.84
CA VAL A 258 11.84 19.99 -6.70
C VAL A 258 11.03 18.79 -7.15
N LEU A 259 9.76 18.77 -6.79
CA LEU A 259 8.90 17.64 -7.10
C LEU A 259 8.10 18.02 -8.34
N SER A 260 8.55 17.57 -9.49
CA SER A 260 7.86 17.87 -10.74
C SER A 260 7.27 16.60 -11.33
N GLY A 261 6.12 16.75 -11.96
CA GLY A 261 5.44 15.65 -12.62
C GLY A 261 4.02 16.08 -12.93
N HIS A 262 3.52 16.99 -12.12
CA HIS A 262 2.24 17.61 -12.40
C HIS A 262 2.36 18.43 -13.67
N ARG A 263 1.42 18.21 -14.59
CA ARG A 263 1.34 18.95 -15.84
C ARG A 263 0.38 20.12 -15.73
N GLY A 264 0.07 20.53 -14.51
CA GLY A 264 -0.84 21.63 -14.28
C GLY A 264 -0.54 22.16 -12.89
N GLU A 265 -1.08 23.34 -12.62
CA GLU A 265 -0.75 24.01 -11.38
C GLU A 265 -1.16 23.16 -10.19
N VAL A 266 -0.30 23.17 -9.16
CA VAL A 266 -0.58 22.45 -7.94
C VAL A 266 -1.69 23.16 -7.18
N SER A 267 -2.63 22.40 -6.63
CA SER A 267 -3.71 22.96 -5.85
C SER A 267 -3.56 22.72 -4.35
N SER A 268 -2.76 21.74 -3.94
CA SER A 268 -2.76 21.26 -2.56
C SER A 268 -1.53 20.42 -2.31
N THR A 269 -1.00 20.48 -1.09
CA THR A 269 0.16 19.67 -0.69
C THR A 269 0.03 19.33 0.79
N GLN A 270 0.59 18.17 1.17
CA GLN A 270 0.58 17.79 2.58
C GLN A 270 1.60 16.70 2.87
N PHE A 271 2.34 16.88 3.97
CA PHE A 271 3.19 15.82 4.51
C PHE A 271 2.33 14.75 5.20
N ASN A 272 2.84 13.52 5.22
CA ASN A 272 2.32 12.51 6.15
C ASN A 272 2.91 12.75 7.54
N TYR A 273 2.29 12.12 8.54
CA TYR A 273 2.74 12.38 9.91
C TYR A 273 4.19 11.97 10.11
N ALA A 274 4.61 10.88 9.48
CA ALA A 274 5.99 10.45 9.63
C ALA A 274 6.96 11.43 8.99
N GLY A 275 6.51 12.23 8.02
CA GLY A 275 7.39 13.16 7.36
C GLY A 275 8.22 12.57 6.25
N THR A 276 7.84 11.39 5.76
CA THR A 276 8.57 10.69 4.72
C THR A 276 7.88 10.75 3.35
N LEU A 277 6.69 11.34 3.27
CA LEU A 277 5.93 11.35 2.03
C LEU A 277 5.25 12.71 1.90
N VAL A 278 5.00 13.11 0.65
CA VAL A 278 4.17 14.25 0.32
C VAL A 278 3.12 13.82 -0.69
N VAL A 279 1.87 14.27 -0.48
CA VAL A 279 0.82 14.14 -1.48
C VAL A 279 0.50 15.53 -2.01
N SER A 280 0.45 15.64 -3.33
CA SER A 280 0.03 16.85 -4.00
C SER A 280 -1.10 16.46 -4.94
N GLY A 281 -2.03 17.39 -5.11
CA GLY A 281 -3.13 17.23 -6.02
C GLY A 281 -2.99 18.38 -6.98
N SER A 282 -3.62 18.32 -8.14
CA SER A 282 -3.33 19.32 -9.16
C SER A 282 -4.51 19.48 -10.09
N ILE A 283 -4.56 20.63 -10.77
CA ILE A 283 -5.60 20.87 -11.77
C ILE A 283 -5.49 19.95 -12.98
N ASP A 284 -4.35 19.28 -13.19
CA ASP A 284 -4.21 18.27 -14.25
C ASP A 284 -4.93 16.96 -13.91
N CYS A 285 -5.84 17.02 -12.94
CA CYS A 285 -6.76 15.94 -12.58
C CYS A 285 -6.07 14.77 -11.90
N THR A 286 -4.93 15.00 -11.26
CA THR A 286 -4.16 13.92 -10.67
C THR A 286 -3.73 14.26 -9.24
N SER A 287 -3.47 13.22 -8.46
CA SER A 287 -2.76 13.33 -7.19
C SER A 287 -1.45 12.53 -7.29
N ARG A 288 -0.43 12.99 -6.58
CA ARG A 288 0.87 12.36 -6.70
C ARG A 288 1.48 12.15 -5.32
N LEU A 289 2.20 11.05 -5.19
CA LEU A 289 2.78 10.63 -3.93
C LEU A 289 4.29 10.65 -4.11
N TRP A 290 4.99 11.39 -3.25
CA TRP A 290 6.40 11.67 -3.39
C TRP A 290 7.18 11.13 -2.20
N ASP A 291 8.38 10.65 -2.47
CA ASP A 291 9.30 10.27 -1.40
C ASP A 291 10.06 11.52 -0.96
N VAL A 292 10.02 11.81 0.35
CA VAL A 292 10.69 13.02 0.83
C VAL A 292 12.20 12.85 0.80
N ARG A 293 12.69 11.66 1.14
CA ARG A 293 14.13 11.43 1.24
C ARG A 293 14.83 11.72 -0.08
N SER A 294 14.28 11.23 -1.19
CA SER A 294 14.90 11.34 -2.49
C SER A 294 14.22 12.34 -3.41
N GLY A 295 12.98 12.75 -3.11
CA GLY A 295 12.26 13.72 -3.90
C GLY A 295 11.63 13.17 -5.16
N ARG A 296 11.58 11.85 -5.33
CA ARG A 296 11.01 11.28 -6.53
C ARG A 296 9.54 10.94 -6.33
N CYS A 297 8.85 10.79 -7.45
CA CYS A 297 7.44 10.44 -7.42
C CYS A 297 7.28 8.93 -7.27
N LEU A 298 6.62 8.50 -6.20
CA LEU A 298 6.35 7.09 -5.99
C LEU A 298 5.10 6.64 -6.73
N SER A 299 4.20 7.56 -7.06
CA SER A 299 2.89 7.14 -7.54
C SER A 299 2.17 8.32 -8.19
N VAL A 300 1.52 8.04 -9.32
CA VAL A 300 0.63 8.97 -10.00
C VAL A 300 -0.75 8.35 -9.94
N LYS A 301 -1.69 9.07 -9.39
CA LYS A 301 -3.01 8.50 -9.11
C LYS A 301 -4.01 9.21 -10.00
N GLN A 302 -4.53 8.48 -10.96
CA GLN A 302 -5.55 8.94 -11.88
C GLN A 302 -6.87 8.26 -11.50
N GLY A 303 -7.89 8.44 -12.34
CA GLY A 303 -9.21 7.94 -12.07
C GLY A 303 -10.21 9.05 -11.85
N HIS A 304 -9.73 10.19 -11.35
CA HIS A 304 -10.54 11.40 -11.36
C HIS A 304 -10.67 11.91 -12.77
N THR A 305 -11.85 12.44 -13.08
CA THR A 305 -12.14 12.98 -14.41
C THR A 305 -12.05 14.50 -14.46
N ASP A 306 -11.86 15.17 -13.33
CA ASP A 306 -11.83 16.62 -13.28
C ASP A 306 -10.80 17.03 -12.23
N GLU A 307 -10.57 18.35 -12.10
CA GLU A 307 -9.47 18.87 -11.28
C GLU A 307 -9.49 18.28 -9.89
N VAL A 308 -8.31 17.88 -9.39
CA VAL A 308 -8.17 17.49 -7.99
C VAL A 308 -7.88 18.72 -7.14
N LEU A 309 -8.79 19.02 -6.23
CA LEU A 309 -8.78 20.27 -5.46
C LEU A 309 -8.17 20.17 -4.07
N ASP A 310 -8.09 18.98 -3.48
CA ASP A 310 -7.62 18.81 -2.11
C ASP A 310 -7.12 17.39 -1.93
N VAL A 311 -6.06 17.24 -1.15
CA VAL A 311 -5.49 15.93 -0.82
C VAL A 311 -5.16 15.91 0.65
N ALA A 312 -5.39 14.77 1.29
CA ALA A 312 -5.12 14.63 2.71
C ALA A 312 -4.66 13.21 2.99
N PHE A 313 -3.80 13.08 3.98
CA PHE A 313 -3.51 11.82 4.64
C PHE A 313 -4.43 11.69 5.86
N ASP A 314 -4.53 10.48 6.39
CA ASP A 314 -5.16 10.43 7.71
C ASP A 314 -4.10 10.70 8.76
N ALA A 315 -4.51 10.80 10.03
CA ALA A 315 -3.58 11.18 11.08
C ALA A 315 -2.35 10.28 11.08
N ALA A 316 -2.54 8.97 10.93
CA ALA A 316 -1.37 8.09 10.94
C ALA A 316 -0.64 8.13 9.61
N GLY A 317 -1.35 8.37 8.51
CA GLY A 317 -0.76 8.31 7.19
C GLY A 317 -0.94 6.99 6.47
N THR A 318 -1.74 6.07 7.02
CA THR A 318 -1.99 4.75 6.42
C THR A 318 -2.93 4.84 5.23
N LYS A 319 -3.80 5.83 5.19
CA LYS A 319 -4.68 6.05 4.06
C LYS A 319 -4.52 7.49 3.59
N MET A 320 -4.85 7.72 2.33
CA MET A 320 -4.86 9.04 1.74
C MET A 320 -6.07 9.18 0.85
N VAL A 321 -6.54 10.41 0.70
CA VAL A 321 -7.75 10.72 -0.04
C VAL A 321 -7.47 11.91 -0.92
N SER A 322 -8.18 11.96 -2.05
CA SER A 322 -8.14 13.11 -2.95
C SER A 322 -9.56 13.54 -3.26
N ALA A 323 -9.79 14.85 -3.31
CA ALA A 323 -11.08 15.46 -3.60
C ALA A 323 -11.00 16.17 -4.96
N SER A 324 -12.05 16.03 -5.75
CA SER A 324 -11.98 16.55 -7.11
C SER A 324 -13.22 17.36 -7.47
N ALA A 325 -13.06 18.14 -8.55
CA ALA A 325 -14.19 18.84 -9.14
C ALA A 325 -15.18 17.89 -9.79
N ASP A 326 -14.88 16.60 -9.90
CA ASP A 326 -15.81 15.64 -10.49
C ASP A 326 -16.91 15.21 -9.54
N GLY A 327 -16.97 15.79 -8.34
CA GLY A 327 -18.00 15.40 -7.38
C GLY A 327 -17.68 14.17 -6.56
N SER A 328 -16.50 13.59 -6.70
CA SER A 328 -16.15 12.38 -5.99
C SER A 328 -14.88 12.60 -5.19
N ALA A 329 -14.70 11.73 -4.21
CA ALA A 329 -13.45 11.61 -3.47
C ALA A 329 -12.95 10.19 -3.67
N ARG A 330 -11.67 10.04 -3.94
CA ARG A 330 -11.06 8.73 -4.11
C ARG A 330 -10.16 8.46 -2.92
N LEU A 331 -10.31 7.30 -2.31
CA LEU A 331 -9.67 6.98 -1.05
C LEU A 331 -8.74 5.81 -1.30
N TYR A 332 -7.45 5.99 -0.98
CA TYR A 332 -6.42 4.99 -1.26
C TYR A 332 -5.76 4.52 0.03
N HIS A 333 -5.05 3.42 -0.06
CA HIS A 333 -4.25 2.94 1.04
C HIS A 333 -2.82 3.34 0.72
N THR A 334 -2.12 3.94 1.69
CA THR A 334 -0.90 4.66 1.35
C THR A 334 0.20 3.72 0.86
N LEU A 335 0.50 2.68 1.63
CA LEU A 335 1.66 1.83 1.34
C LEU A 335 1.47 1.10 0.02
N THR A 336 0.39 0.32 -0.09
CA THR A 336 0.14 -0.44 -1.31
C THR A 336 -0.30 0.45 -2.47
N GLY A 337 -1.00 1.54 -2.18
CA GLY A 337 -1.57 2.36 -3.24
C GLY A 337 -2.93 1.93 -3.75
N VAL A 338 -3.53 0.88 -3.18
CA VAL A 338 -4.79 0.35 -3.68
C VAL A 338 -5.90 1.36 -3.44
N CYS A 339 -6.77 1.56 -4.44
CA CYS A 339 -7.93 2.40 -4.26
C CYS A 339 -9.01 1.57 -3.56
N GLN A 340 -9.33 1.94 -2.33
CA GLN A 340 -10.36 1.24 -1.56
C GLN A 340 -11.76 1.63 -1.98
N HIS A 341 -12.02 2.94 -2.17
CA HIS A 341 -13.36 3.41 -2.46
C HIS A 341 -13.33 4.69 -3.28
N THR A 342 -14.31 4.82 -4.16
CA THR A 342 -14.65 6.08 -4.82
C THR A 342 -15.99 6.56 -4.26
N LEU A 343 -15.97 7.73 -3.63
CA LEU A 343 -17.14 8.22 -2.91
C LEU A 343 -17.93 9.13 -3.84
N VAL A 344 -19.07 8.63 -4.34
CA VAL A 344 -19.93 9.41 -5.21
C VAL A 344 -21.22 9.71 -4.47
N GLY A 345 -21.86 10.82 -4.85
CA GLY A 345 -23.01 11.32 -4.12
C GLY A 345 -23.17 12.83 -4.13
N HIS A 346 -22.06 13.58 -4.14
CA HIS A 346 -22.13 15.03 -4.18
C HIS A 346 -22.57 15.53 -5.55
N GLU A 347 -23.53 16.45 -5.55
CA GLU A 347 -24.00 17.06 -6.80
C GLU A 347 -23.07 18.15 -7.32
N GLY A 348 -22.09 18.60 -6.53
CA GLY A 348 -21.17 19.62 -6.99
C GLY A 348 -19.69 19.26 -6.87
N GLU A 349 -18.82 20.24 -7.04
CA GLU A 349 -17.41 20.00 -6.86
C GLU A 349 -17.11 19.87 -5.37
N ILE A 350 -15.94 19.30 -5.05
CA ILE A 350 -15.56 19.04 -3.67
C ILE A 350 -14.29 19.83 -3.35
N SER A 351 -14.42 20.83 -2.48
CA SER A 351 -13.33 21.77 -2.20
C SER A 351 -12.38 21.24 -1.14
N LYS A 352 -12.90 20.52 -0.15
CA LYS A 352 -12.12 20.21 1.02
C LYS A 352 -12.52 18.83 1.52
N VAL A 353 -11.55 18.10 2.01
CA VAL A 353 -11.77 16.78 2.57
C VAL A 353 -10.88 16.66 3.78
N ALA A 354 -11.36 15.93 4.78
CA ALA A 354 -10.63 15.69 6.01
C ALA A 354 -11.03 14.34 6.55
N PHE A 355 -10.06 13.63 7.08
CA PHE A 355 -10.33 12.46 7.91
C PHE A 355 -10.68 12.89 9.34
N ASN A 356 -11.43 12.05 10.04
CA ASN A 356 -11.53 12.26 11.47
C ASN A 356 -10.20 11.87 12.12
N PRO A 357 -9.96 12.32 13.35
CA PRO A 357 -8.72 11.92 14.04
C PRO A 357 -8.49 10.41 14.05
N GLN A 358 -9.53 9.61 14.17
CA GLN A 358 -9.37 8.16 14.19
C GLN A 358 -9.15 7.56 12.80
N GLY A 359 -9.30 8.34 11.73
CA GLY A 359 -9.00 7.83 10.40
C GLY A 359 -10.02 6.84 9.90
N THR A 360 -11.20 6.80 10.51
CA THR A 360 -12.24 5.83 10.19
C THR A 360 -13.43 6.43 9.45
N ARG A 361 -13.54 7.76 9.44
CA ARG A 361 -14.59 8.47 8.73
C ARG A 361 -13.97 9.66 8.02
N LEU A 362 -14.76 10.28 7.16
CA LEU A 362 -14.25 11.25 6.22
C LEU A 362 -15.35 12.25 5.95
N ILE A 363 -15.01 13.54 5.89
CA ILE A 363 -16.00 14.54 5.52
C ILE A 363 -15.52 15.28 4.29
N THR A 364 -16.48 15.76 3.52
CA THR A 364 -16.21 16.49 2.29
C THR A 364 -17.11 17.71 2.22
N ALA A 365 -16.53 18.85 1.83
CA ALA A 365 -17.30 20.06 1.61
C ALA A 365 -17.50 20.26 0.11
N SER A 366 -18.71 20.64 -0.27
CA SER A 366 -19.07 20.65 -1.68
C SER A 366 -19.81 21.92 -2.05
N SER A 367 -19.75 22.23 -3.33
CA SER A 367 -20.45 23.36 -3.88
C SER A 367 -21.95 23.17 -3.90
N ASP A 368 -22.44 21.95 -3.75
CA ASP A 368 -23.88 21.74 -3.71
C ASP A 368 -24.47 22.11 -2.37
N LYS A 369 -23.76 22.92 -1.58
CA LYS A 369 -24.23 23.48 -0.33
C LYS A 369 -24.33 22.40 0.76
N THR A 370 -23.53 21.36 0.62
CA THR A 370 -23.63 20.15 1.42
C THR A 370 -22.25 19.66 1.82
N CYS A 371 -22.19 19.08 3.02
CA CYS A 371 -21.01 18.43 3.56
C CYS A 371 -21.45 17.04 3.96
N ARG A 372 -20.74 16.03 3.47
N ARG A 372 -20.73 16.03 3.48
CA ARG A 372 -21.12 14.64 3.69
CA ARG A 372 -21.14 14.65 3.70
C ARG A 372 -20.14 13.99 4.66
C ARG A 372 -20.13 13.92 4.57
N LEU A 373 -20.63 12.98 5.36
CA LEU A 373 -19.83 12.13 6.23
C LEU A 373 -19.79 10.72 5.64
N TRP A 374 -18.58 10.19 5.43
CA TRP A 374 -18.42 8.91 4.78
C TRP A 374 -17.69 7.92 5.68
N ASP A 375 -18.01 6.64 5.47
CA ASP A 375 -17.38 5.54 6.17
C ASP A 375 -16.24 4.98 5.34
N CYS A 376 -15.02 5.02 5.88
CA CYS A 376 -13.84 4.61 5.13
C CYS A 376 -13.83 3.13 4.80
N ASP A 377 -14.51 2.30 5.57
CA ASP A 377 -14.45 0.86 5.35
C ASP A 377 -15.38 0.45 4.21
N THR A 378 -16.58 1.03 4.18
CA THR A 378 -17.60 0.69 3.21
C THR A 378 -17.79 1.74 2.13
N GLY A 379 -17.37 2.98 2.37
CA GLY A 379 -17.62 4.07 1.45
C GLY A 379 -19.03 4.62 1.46
N GLU A 380 -19.89 4.15 2.36
CA GLU A 380 -21.25 4.64 2.40
C GLU A 380 -21.27 6.05 2.98
N CYS A 381 -22.13 6.88 2.43
CA CYS A 381 -22.42 8.18 3.00
C CYS A 381 -23.25 7.99 4.27
N LEU A 382 -22.66 8.29 5.43
CA LEU A 382 -23.34 8.10 6.71
C LEU A 382 -24.34 9.22 7.00
N GLN A 383 -23.97 10.45 6.68
CA GLN A 383 -24.79 11.61 7.02
C GLN A 383 -24.57 12.68 5.96
N VAL A 384 -25.64 13.41 5.66
CA VAL A 384 -25.57 14.58 4.79
C VAL A 384 -25.86 15.81 5.64
N LEU A 385 -24.88 16.69 5.76
CA LEU A 385 -24.99 17.86 6.62
C LEU A 385 -25.49 19.03 5.79
N GLU A 386 -26.72 19.47 6.07
CA GLU A 386 -27.38 20.50 5.28
C GLU A 386 -27.71 21.72 6.13
N GLY A 387 -27.83 22.85 5.45
CA GLY A 387 -28.19 24.07 6.12
C GLY A 387 -27.56 25.30 5.50
N HIS A 388 -26.41 25.13 4.88
CA HIS A 388 -25.79 26.26 4.18
C HIS A 388 -26.60 26.58 2.93
N THR A 389 -26.65 27.86 2.60
CA THR A 389 -27.41 28.34 1.45
C THR A 389 -26.54 28.64 0.26
N ASP A 390 -25.23 28.41 0.37
CA ASP A 390 -24.29 28.62 -0.70
C ASP A 390 -23.21 27.55 -0.58
N GLU A 391 -22.21 27.60 -1.48
CA GLU A 391 -21.18 26.56 -1.49
C GLU A 391 -20.42 26.49 -0.16
N ILE A 392 -20.00 25.27 0.21
CA ILE A 392 -19.13 25.08 1.35
C ILE A 392 -17.68 25.02 0.86
N PHE A 393 -16.85 25.95 1.34
CA PHE A 393 -15.46 26.02 0.92
C PHE A 393 -14.50 25.32 1.88
N SER A 394 -15.00 24.82 3.00
CA SER A 394 -14.18 24.36 4.10
C SER A 394 -14.94 23.39 4.99
N CYS A 395 -14.22 22.40 5.52
CA CYS A 395 -14.70 21.56 6.62
C CYS A 395 -13.49 20.99 7.35
N ALA A 396 -13.53 21.01 8.69
CA ALA A 396 -12.43 20.52 9.53
C ALA A 396 -12.99 20.04 10.85
N PHE A 397 -12.34 19.02 11.43
CA PHE A 397 -12.61 18.50 12.76
C PHE A 397 -11.81 19.27 13.79
N ASN A 398 -12.28 19.25 15.04
CA ASN A 398 -11.36 19.62 16.10
C ASN A 398 -10.44 18.43 16.37
N TYR A 399 -9.57 18.55 17.38
CA TYR A 399 -8.57 17.50 17.59
C TYR A 399 -9.21 16.16 17.95
N GLU A 400 -10.25 16.16 18.77
CA GLU A 400 -10.85 14.91 19.23
C GLU A 400 -11.90 14.35 18.27
N GLY A 401 -12.42 15.16 17.36
CA GLY A 401 -13.39 14.71 16.40
C GLY A 401 -14.83 14.79 16.84
N ASP A 402 -15.10 15.38 18.01
CA ASP A 402 -16.48 15.53 18.43
C ASP A 402 -17.19 16.73 17.79
N PHE A 403 -16.44 17.65 17.20
CA PHE A 403 -16.99 18.84 16.56
C PHE A 403 -16.42 19.01 15.17
N ILE A 404 -17.27 19.51 14.27
CA ILE A 404 -16.92 19.85 12.89
C ILE A 404 -17.23 21.33 12.65
N ILE A 405 -16.42 21.99 11.85
CA ILE A 405 -16.73 23.36 11.42
C ILE A 405 -16.81 23.39 9.90
N THR A 406 -17.93 23.90 9.38
CA THR A 406 -18.06 24.15 7.95
C THR A 406 -18.15 25.66 7.72
N GLY A 407 -17.41 26.14 6.73
CA GLY A 407 -17.49 27.52 6.31
C GLY A 407 -18.02 27.59 4.89
N SER A 408 -18.89 28.57 4.64
CA SER A 408 -19.57 28.63 3.37
C SER A 408 -19.51 30.03 2.80
N LYS A 409 -19.89 30.12 1.52
CA LYS A 409 -19.99 31.42 0.87
C LYS A 409 -21.27 32.16 1.25
N ASP A 410 -22.13 31.56 2.08
CA ASP A 410 -23.22 32.30 2.69
C ASP A 410 -22.75 33.14 3.87
N ASN A 411 -21.43 33.20 4.10
CA ASN A 411 -20.79 33.99 5.16
C ASN A 411 -21.21 33.50 6.53
N THR A 412 -21.53 32.21 6.61
CA THR A 412 -22.01 31.55 7.81
C THR A 412 -21.07 30.41 8.16
N CYS A 413 -20.87 30.22 9.47
N CYS A 413 -20.97 30.15 9.46
CA CYS A 413 -20.20 29.05 10.02
CA CYS A 413 -20.18 29.05 10.00
C CYS A 413 -21.22 28.21 10.76
C CYS A 413 -21.05 28.18 10.88
N ARG A 414 -21.21 26.90 10.51
CA ARG A 414 -22.06 25.96 11.21
C ARG A 414 -21.18 24.99 11.99
N ILE A 415 -21.47 24.85 13.28
CA ILE A 415 -20.75 23.93 14.15
C ILE A 415 -21.62 22.71 14.35
N TRP A 416 -21.06 21.53 14.11
CA TRP A 416 -21.74 20.26 14.30
C TRP A 416 -21.09 19.46 15.41
N LYS A 417 -21.91 18.76 16.20
CA LYS A 417 -21.45 18.06 17.38
C LYS A 417 -21.83 16.59 17.28
N ALA A 418 -20.91 15.73 17.68
CA ALA A 418 -21.16 14.30 17.75
C ALA A 418 -22.00 13.93 18.96
N LEU A 419 -22.81 12.86 18.78
CA LEU A 419 -23.61 12.28 19.85
C LEU A 419 -22.81 12.16 21.14
N THR A 420 -23.48 12.42 22.26
CA THR A 420 -22.87 12.23 23.56
C THR A 420 -23.24 10.88 24.14
N LEU B 5 31.58 -4.12 -4.85
CA LEU B 5 30.78 -4.54 -5.99
C LEU B 5 31.60 -5.27 -7.05
N ARG B 6 31.12 -6.41 -7.52
CA ARG B 6 31.82 -7.16 -8.54
C ARG B 6 31.05 -7.29 -9.85
N LYS B 7 29.72 -7.39 -9.83
CA LYS B 7 28.94 -7.63 -11.05
C LYS B 7 27.55 -7.01 -10.97
N PHE B 8 27.00 -6.71 -12.15
CA PHE B 8 25.58 -6.42 -12.33
C PHE B 8 24.98 -7.59 -13.12
N LEU B 9 23.84 -8.11 -12.66
CA LEU B 9 23.16 -9.15 -13.41
C LEU B 9 21.73 -8.70 -13.67
N LEU B 10 21.27 -8.92 -14.90
CA LEU B 10 19.93 -8.51 -15.27
C LEU B 10 18.94 -9.59 -14.88
N ARG B 11 17.83 -9.19 -14.26
CA ARG B 11 16.73 -10.09 -13.98
C ARG B 11 15.50 -9.59 -14.72
N TYR B 12 14.87 -10.49 -15.47
CA TYR B 12 13.81 -10.11 -16.38
C TYR B 12 12.41 -10.24 -15.78
N TYR B 13 12.22 -11.18 -14.86
CA TYR B 13 10.86 -11.54 -14.45
C TYR B 13 10.71 -11.67 -12.92
N PRO B 14 10.24 -10.60 -12.26
CA PRO B 14 9.91 -9.27 -12.78
C PRO B 14 11.17 -8.46 -13.02
N PRO B 15 11.07 -7.31 -13.70
CA PRO B 15 12.28 -6.53 -14.00
C PRO B 15 13.07 -6.18 -12.75
N GLY B 16 14.39 -6.19 -12.90
CA GLY B 16 15.25 -5.88 -11.80
C GLY B 16 16.70 -5.98 -12.22
N ILE B 17 17.56 -5.48 -11.33
CA ILE B 17 19.00 -5.57 -11.47
C ILE B 17 19.54 -6.08 -10.15
N ILE B 18 20.22 -7.20 -10.17
CA ILE B 18 20.72 -7.82 -8.96
C ILE B 18 22.20 -7.47 -8.84
N LEU B 19 22.61 -7.14 -7.62
CA LEU B 19 23.93 -6.61 -7.33
C LEU B 19 24.78 -7.72 -6.72
N GLN B 20 25.79 -8.18 -7.45
CA GLN B 20 26.75 -9.12 -6.88
C GLN B 20 27.94 -8.32 -6.36
N TYR B 21 28.25 -8.47 -5.08
CA TYR B 21 29.29 -7.64 -4.49
C TYR B 21 30.20 -8.49 -3.61
N GLU B 22 31.29 -7.88 -3.16
CA GLU B 22 32.13 -8.46 -2.11
C GLU B 22 32.42 -7.45 -1.00
N VAL B 26 33.88 -12.33 1.07
CA VAL B 26 32.46 -12.70 1.06
C VAL B 26 31.79 -12.26 -0.24
N MET B 27 30.89 -13.10 -0.78
CA MET B 27 30.21 -12.83 -2.04
C MET B 27 28.70 -12.94 -1.85
N LYS B 28 28.03 -11.79 -1.74
CA LYS B 28 26.59 -11.71 -1.56
C LYS B 28 25.89 -11.22 -2.83
N GLN B 29 24.57 -11.05 -2.73
N GLN B 29 24.58 -11.08 -2.74
CA GLN B 29 23.76 -10.58 -3.84
CA GLN B 29 23.78 -10.57 -3.83
C GLN B 29 22.59 -9.79 -3.28
C GLN B 29 22.62 -9.76 -3.25
N LYS B 30 22.24 -8.70 -3.94
CA LYS B 30 21.24 -7.75 -3.48
C LYS B 30 20.43 -7.24 -4.66
N PRO B 31 19.11 -7.40 -4.66
CA PRO B 31 18.33 -7.11 -5.86
C PRO B 31 17.80 -5.68 -5.86
N ILE B 32 17.88 -5.04 -7.02
CA ILE B 32 17.28 -3.73 -7.26
C ILE B 32 16.00 -3.96 -8.04
N ASP B 33 14.86 -3.83 -7.36
CA ASP B 33 13.58 -4.23 -7.91
C ASP B 33 12.97 -3.10 -8.74
N LEU B 34 12.81 -3.35 -10.04
CA LEU B 34 12.20 -2.38 -10.93
C LEU B 34 10.81 -2.84 -11.39
N LEU B 35 9.90 -2.95 -10.43
CA LEU B 35 8.58 -3.50 -10.71
C LEU B 35 7.72 -2.53 -11.52
N ASP B 36 7.89 -1.23 -11.31
CA ASP B 36 7.11 -0.23 -12.03
C ASP B 36 7.78 0.19 -13.33
N LEU B 37 8.31 -0.77 -14.09
CA LEU B 37 9.08 -0.48 -15.29
C LEU B 37 8.22 -0.75 -16.51
N THR B 38 7.84 0.32 -17.20
CA THR B 38 7.18 0.28 -18.49
C THR B 38 8.13 0.81 -19.55
N PRO B 39 7.97 0.42 -20.82
CA PRO B 39 8.81 1.02 -21.87
C PRO B 39 8.72 2.54 -21.93
N ASP B 40 7.64 3.14 -21.42
CA ASP B 40 7.53 4.58 -21.40
C ASP B 40 8.23 5.21 -20.19
N VAL B 41 9.07 4.47 -19.49
CA VAL B 41 9.80 5.01 -18.34
C VAL B 41 10.78 6.09 -18.82
N ASP B 42 10.84 7.20 -18.07
CA ASP B 42 11.95 8.13 -18.27
C ASP B 42 13.21 7.50 -17.71
N VAL B 43 14.13 7.12 -18.62
CA VAL B 43 15.23 6.28 -18.22
C VAL B 43 16.23 7.06 -17.39
N GLU B 44 16.37 8.36 -17.66
CA GLU B 44 17.43 9.10 -17.00
C GLU B 44 17.10 9.40 -15.54
N VAL B 45 15.85 9.74 -15.24
CA VAL B 45 15.45 9.94 -13.85
C VAL B 45 15.60 8.64 -13.08
N LEU B 46 15.16 7.54 -13.68
CA LEU B 46 15.29 6.23 -13.02
C LEU B 46 16.74 5.87 -12.75
N LEU B 47 17.63 6.09 -13.72
CA LEU B 47 19.04 5.83 -13.47
C LEU B 47 19.53 6.62 -12.26
N SER B 48 19.08 7.87 -12.14
CA SER B 48 19.55 8.72 -11.05
C SER B 48 19.09 8.19 -9.70
N GLN B 49 17.86 7.66 -9.64
CA GLN B 49 17.35 7.16 -8.37
C GLN B 49 17.97 5.83 -8.00
N ILE B 50 18.43 5.04 -8.98
CA ILE B 50 19.16 3.82 -8.64
C ILE B 50 20.51 4.15 -8.04
N ILE B 51 21.28 5.00 -8.72
CA ILE B 51 22.64 5.35 -8.32
C ILE B 51 22.64 6.05 -6.97
N ARG B 52 21.65 6.91 -6.74
CA ARG B 52 21.56 7.70 -5.53
C ARG B 52 21.07 6.87 -4.35
N GLN B 53 20.04 6.07 -4.56
CA GLN B 53 19.46 5.32 -3.45
C GLN B 53 20.43 4.27 -2.90
N GLU B 54 21.28 3.69 -3.74
CA GLU B 54 22.08 2.54 -3.32
C GLU B 54 23.56 2.92 -3.25
N PRO B 55 24.17 2.90 -2.06
CA PRO B 55 25.53 3.46 -1.90
C PRO B 55 26.62 2.60 -2.51
N LEU B 56 26.35 1.36 -2.80
CA LEU B 56 27.35 0.51 -3.40
C LEU B 56 27.50 0.80 -4.90
N ILE B 57 26.65 1.65 -5.46
CA ILE B 57 26.69 2.02 -6.88
C ILE B 57 27.11 3.48 -7.02
N SER B 58 28.26 3.69 -7.64
CA SER B 58 28.78 5.03 -7.87
C SER B 58 28.34 5.56 -9.24
N GLU B 59 28.58 6.87 -9.43
CA GLU B 59 28.10 7.56 -10.63
C GLU B 59 28.69 6.99 -11.91
N ASN B 60 29.91 6.43 -11.88
CA ASN B 60 30.54 6.00 -13.11
C ASN B 60 29.90 4.74 -13.70
N ARG B 61 29.07 4.04 -12.93
CA ARG B 61 28.38 2.86 -13.42
C ARG B 61 27.15 3.23 -14.24
N ARG B 62 26.82 4.53 -14.32
CA ARG B 62 25.61 4.95 -15.03
C ARG B 62 25.58 4.50 -16.48
N PRO B 63 26.68 4.48 -17.23
CA PRO B 63 26.62 3.88 -18.57
C PRO B 63 26.29 2.39 -18.56
N ALA B 64 26.78 1.63 -17.57
CA ALA B 64 26.43 0.21 -17.46
C ALA B 64 24.95 0.04 -17.18
N LEU B 65 24.42 0.77 -16.20
CA LEU B 65 23.00 0.74 -15.90
C LEU B 65 22.13 1.03 -17.11
N ARG B 66 22.49 2.04 -17.91
CA ARG B 66 21.65 2.46 -19.02
C ARG B 66 21.42 1.31 -20.00
N GLN B 67 22.47 0.56 -20.31
CA GLN B 67 22.31 -0.55 -21.23
C GLN B 67 21.55 -1.71 -20.59
N LEU B 68 21.74 -1.93 -19.29
CA LEU B 68 20.90 -2.89 -18.58
C LEU B 68 19.43 -2.51 -18.68
N ILE B 69 19.12 -1.23 -18.45
CA ILE B 69 17.72 -0.81 -18.46
C ILE B 69 17.12 -0.94 -19.85
N HIS B 70 17.89 -0.63 -20.88
CA HIS B 70 17.40 -0.76 -22.26
C HIS B 70 17.18 -2.21 -22.65
N ARG B 71 18.00 -3.14 -22.16
CA ARG B 71 17.77 -4.55 -22.48
C ARG B 71 16.45 -5.06 -21.88
N LEU B 72 16.10 -4.61 -20.68
CA LEU B 72 14.78 -4.91 -20.13
C LEU B 72 13.70 -4.25 -20.98
N ILE B 73 13.90 -2.99 -21.36
CA ILE B 73 12.95 -2.29 -22.22
C ILE B 73 12.88 -2.95 -23.59
N ASP B 74 14.06 -3.25 -24.16
CA ASP B 74 14.10 -3.92 -25.47
C ASP B 74 13.44 -5.29 -25.42
N LYS B 75 13.29 -5.87 -24.23
CA LYS B 75 12.74 -7.21 -24.09
C LYS B 75 11.23 -7.15 -23.98
N MET B 76 10.69 -6.08 -23.40
CA MET B 76 9.25 -5.96 -23.37
C MET B 76 8.66 -5.55 -24.70
N LEU B 77 9.49 -5.09 -25.63
CA LEU B 77 9.00 -4.64 -26.94
C LEU B 77 9.13 -5.72 -27.99
N GLU B 78 9.58 -6.91 -27.61
CA GLU B 78 9.66 -8.00 -28.57
C GLU B 78 8.26 -8.60 -28.72
N GLN B 79 8.01 -9.18 -29.90
CA GLN B 79 6.70 -9.75 -30.12
C GLN B 79 6.56 -11.05 -29.35
N GLN B 80 5.36 -11.28 -28.81
CA GLN B 80 5.15 -12.35 -27.86
C GLN B 80 4.98 -13.68 -28.60
N HIS B 81 4.79 -14.74 -27.82
CA HIS B 81 4.85 -16.10 -28.37
C HIS B 81 3.63 -16.42 -29.23
N HIS B 82 2.43 -16.27 -28.67
CA HIS B 82 1.16 -16.44 -29.39
C HIS B 82 0.89 -17.88 -29.81
N SER B 83 1.94 -18.70 -30.01
CA SER B 83 1.76 -20.05 -30.55
C SER B 83 2.67 -21.03 -29.82
N PHE B 84 2.06 -21.99 -29.12
CA PHE B 84 2.77 -23.15 -28.57
C PHE B 84 2.40 -24.42 -29.31
N THR B 85 3.42 -25.22 -29.63
CA THR B 85 3.25 -26.56 -30.16
C THR B 85 3.47 -27.62 -29.10
N LEU B 86 2.87 -28.79 -29.34
CA LEU B 86 3.08 -29.96 -28.49
C LEU B 86 4.52 -30.42 -28.61
N PHE B 87 5.26 -30.39 -27.51
CA PHE B 87 6.66 -30.79 -27.51
C PHE B 87 6.81 -32.27 -27.18
N LYS B 88 6.13 -32.75 -26.17
CA LYS B 88 6.24 -34.15 -25.82
C LYS B 88 5.02 -34.50 -24.98
N VAL B 89 4.52 -35.71 -25.14
CA VAL B 89 3.44 -36.24 -24.32
C VAL B 89 3.97 -37.49 -23.60
N LEU B 90 3.72 -37.57 -22.30
CA LEU B 90 4.35 -38.56 -21.45
C LEU B 90 3.33 -39.06 -20.45
N ARG B 91 3.07 -40.36 -20.44
CA ARG B 91 2.17 -40.92 -19.43
C ARG B 91 3.00 -41.26 -18.20
N ALA B 92 2.70 -40.59 -17.10
CA ALA B 92 3.58 -40.62 -15.94
C ALA B 92 3.40 -41.90 -15.13
N HIS B 93 2.16 -42.33 -14.91
CA HIS B 93 1.88 -43.46 -14.02
C HIS B 93 0.71 -44.27 -14.53
N ILE B 94 0.57 -45.47 -13.97
CA ILE B 94 -0.62 -46.29 -14.15
C ILE B 94 -1.70 -45.93 -13.13
N LEU B 95 -1.32 -45.81 -11.87
CA LEU B 95 -2.21 -45.29 -10.86
C LEU B 95 -2.31 -43.77 -10.98
N PRO B 96 -3.38 -43.17 -10.45
CA PRO B 96 -3.68 -41.77 -10.75
C PRO B 96 -2.54 -40.81 -10.51
N LEU B 97 -2.29 -39.96 -11.50
CA LEU B 97 -1.40 -38.81 -11.36
C LEU B 97 -2.04 -37.72 -10.52
N THR B 98 -1.30 -37.20 -9.54
CA THR B 98 -1.82 -36.18 -8.63
C THR B 98 -1.27 -34.77 -8.90
N ASN B 99 -0.04 -34.64 -9.36
CA ASN B 99 0.65 -33.37 -9.36
C ASN B 99 1.80 -33.46 -10.37
N CYS B 100 2.23 -32.30 -10.91
CA CYS B 100 3.39 -32.23 -11.80
C CYS B 100 3.97 -30.83 -11.74
N ALA B 101 5.30 -30.72 -11.82
CA ALA B 101 5.99 -29.45 -11.55
C ALA B 101 7.34 -29.37 -12.27
N PHE B 102 7.60 -28.25 -12.93
CA PHE B 102 8.87 -27.92 -13.60
C PHE B 102 9.98 -27.56 -12.60
N ASN B 103 11.22 -27.65 -13.07
CA ASN B 103 12.29 -26.95 -12.40
C ASN B 103 12.35 -25.55 -13.03
N LYS B 104 13.34 -24.74 -12.66
CA LYS B 104 13.42 -23.41 -13.24
C LYS B 104 13.60 -23.47 -14.77
N SER B 105 14.57 -24.27 -15.25
CA SER B 105 14.85 -24.34 -16.70
C SER B 105 13.70 -24.99 -17.47
N GLY B 106 13.08 -26.01 -16.89
CA GLY B 106 12.14 -26.85 -17.59
C GLY B 106 12.75 -28.16 -18.04
N ASP B 107 14.06 -28.33 -17.94
CA ASP B 107 14.73 -29.53 -18.45
C ASP B 107 14.54 -30.73 -17.54
N ARG B 108 13.77 -30.57 -16.46
CA ARG B 108 13.28 -31.69 -15.68
C ARG B 108 11.90 -31.35 -15.15
N PHE B 109 11.07 -32.36 -14.99
CA PHE B 109 9.82 -32.14 -14.28
C PHE B 109 9.52 -33.34 -13.39
N ILE B 110 8.80 -33.08 -12.30
CA ILE B 110 8.53 -34.09 -11.30
C ILE B 110 7.04 -34.42 -11.33
N THR B 111 6.73 -35.66 -10.95
CA THR B 111 5.38 -36.21 -10.96
C THR B 111 5.10 -36.91 -9.64
N GLY B 112 3.86 -36.79 -9.13
CA GLY B 112 3.43 -37.58 -7.98
C GLY B 112 2.22 -38.44 -8.32
N SER B 113 1.98 -39.53 -7.58
CA SER B 113 0.94 -40.45 -8.03
C SER B 113 0.39 -41.27 -6.86
N TYR B 114 -0.72 -41.95 -7.14
CA TYR B 114 -1.32 -42.90 -6.20
C TYR B 114 -0.54 -44.20 -6.04
N ASP B 115 0.52 -44.42 -6.82
CA ASP B 115 1.35 -45.59 -6.59
C ASP B 115 2.45 -45.31 -5.59
N ARG B 116 2.35 -44.21 -4.83
CA ARG B 116 3.20 -43.89 -3.70
C ARG B 116 4.62 -43.52 -4.12
N THR B 117 4.78 -43.06 -5.35
CA THR B 117 6.08 -42.65 -5.85
C THR B 117 6.00 -41.24 -6.39
N CYS B 118 7.19 -40.65 -6.50
CA CYS B 118 7.44 -39.43 -7.26
C CYS B 118 8.48 -39.77 -8.31
N LYS B 119 8.15 -39.53 -9.58
CA LYS B 119 9.08 -39.73 -10.68
C LYS B 119 9.72 -38.41 -11.06
N VAL B 120 11.00 -38.46 -11.40
CA VAL B 120 11.75 -37.33 -11.95
C VAL B 120 11.98 -37.62 -13.42
N TRP B 121 11.58 -36.70 -14.29
CA TRP B 121 11.62 -36.90 -15.73
C TRP B 121 12.59 -35.95 -16.39
N ASN B 122 13.21 -36.42 -17.48
CA ASN B 122 14.02 -35.60 -18.36
C ASN B 122 13.14 -35.00 -19.45
N THR B 123 12.93 -33.68 -19.43
CA THR B 123 11.99 -33.07 -20.37
C THR B 123 12.46 -33.20 -21.81
N PHE B 124 13.76 -33.28 -22.04
CA PHE B 124 14.26 -33.43 -23.40
C PHE B 124 14.03 -34.84 -23.93
N THR B 125 14.43 -35.85 -23.15
CA THR B 125 14.40 -37.24 -23.62
C THR B 125 13.14 -37.99 -23.26
N GLY B 126 12.39 -37.56 -22.26
CA GLY B 126 11.27 -38.33 -21.77
C GLY B 126 11.66 -39.48 -20.87
N GLU B 127 12.94 -39.59 -20.53
CA GLU B 127 13.42 -40.70 -19.72
C GLU B 127 13.16 -40.43 -18.25
N GLU B 128 12.74 -41.46 -17.54
CA GLU B 128 12.49 -41.41 -16.11
C GLU B 128 13.84 -41.50 -15.39
N VAL B 129 14.36 -40.37 -14.95
CA VAL B 129 15.70 -40.35 -14.40
C VAL B 129 15.71 -41.02 -13.03
N PHE B 130 14.70 -40.74 -12.20
CA PHE B 130 14.58 -41.34 -10.87
C PHE B 130 13.15 -41.77 -10.62
N THR B 131 12.99 -42.74 -9.72
CA THR B 131 11.71 -43.03 -9.09
C THR B 131 11.94 -42.98 -7.59
N LEU B 132 11.39 -41.95 -6.93
CA LEU B 132 11.58 -41.71 -5.50
C LEU B 132 10.55 -42.53 -4.75
N GLU B 133 11.02 -43.52 -3.98
CA GLU B 133 10.13 -44.49 -3.36
C GLU B 133 10.28 -44.48 -1.85
N GLY B 134 9.20 -44.85 -1.16
CA GLY B 134 9.27 -44.92 0.29
C GLY B 134 8.02 -44.49 1.02
N HIS B 135 7.21 -43.64 0.41
CA HIS B 135 5.93 -43.24 0.99
C HIS B 135 5.00 -44.45 1.05
N LYS B 136 4.10 -44.44 2.03
CA LYS B 136 3.18 -45.56 2.23
C LYS B 136 1.75 -45.23 1.79
N ASN B 137 1.56 -44.10 1.14
CA ASN B 137 0.24 -43.63 0.71
C ASN B 137 0.44 -42.69 -0.47
N VAL B 138 -0.66 -42.06 -0.92
CA VAL B 138 -0.61 -41.15 -2.06
C VAL B 138 0.47 -40.08 -1.86
N VAL B 139 1.36 -39.95 -2.84
CA VAL B 139 2.25 -38.80 -2.93
C VAL B 139 1.47 -37.67 -3.59
N TYR B 140 1.09 -36.68 -2.82
CA TYR B 140 0.08 -35.71 -3.27
C TYR B 140 0.63 -34.35 -3.66
N ALA B 141 1.55 -33.79 -2.89
CA ALA B 141 2.14 -32.51 -3.21
C ALA B 141 3.64 -32.71 -3.38
N ILE B 142 4.19 -32.14 -4.44
CA ILE B 142 5.62 -32.20 -4.73
C ILE B 142 6.09 -30.80 -5.10
N ALA B 143 7.40 -30.59 -4.99
CA ALA B 143 8.00 -29.29 -5.30
C ALA B 143 9.51 -29.43 -5.48
N PHE B 144 10.05 -28.60 -6.37
CA PHE B 144 11.49 -28.32 -6.48
C PHE B 144 11.85 -27.10 -5.62
N ASN B 145 13.11 -27.03 -5.18
CA ASN B 145 13.59 -25.80 -4.54
C ASN B 145 13.93 -24.82 -5.66
N ASN B 146 12.94 -24.09 -6.11
CA ASN B 146 12.90 -23.83 -7.54
C ASN B 146 13.42 -22.50 -8.06
N PRO B 147 14.50 -21.97 -7.53
CA PRO B 147 15.52 -21.42 -8.44
C PRO B 147 16.59 -22.47 -8.68
N TYR B 148 16.89 -23.26 -7.64
CA TYR B 148 18.05 -24.14 -7.63
C TYR B 148 17.73 -25.53 -8.20
N GLY B 149 16.68 -26.17 -7.71
CA GLY B 149 16.21 -27.38 -8.36
C GLY B 149 17.00 -28.62 -8.07
N ASP B 150 17.92 -28.58 -7.12
CA ASP B 150 18.72 -29.74 -6.75
C ASP B 150 18.10 -30.54 -5.62
N LYS B 151 16.96 -30.08 -5.09
CA LYS B 151 16.22 -30.79 -4.06
C LYS B 151 14.75 -30.85 -4.42
N ILE B 152 14.11 -31.90 -3.93
CA ILE B 152 12.70 -32.20 -4.16
C ILE B 152 12.08 -32.59 -2.82
N VAL B 153 10.88 -32.09 -2.56
CA VAL B 153 10.07 -32.49 -1.41
C VAL B 153 8.80 -33.14 -1.93
N THR B 154 8.45 -34.27 -1.35
CA THR B 154 7.19 -34.94 -1.63
C THR B 154 6.36 -34.97 -0.36
N GLY B 155 5.10 -34.55 -0.47
CA GLY B 155 4.17 -34.57 0.64
C GLY B 155 3.10 -35.62 0.36
N SER B 156 2.89 -36.48 1.34
CA SER B 156 2.14 -37.71 1.16
C SER B 156 1.00 -37.82 2.16
N PHE B 157 0.08 -38.73 1.88
CA PHE B 157 -0.99 -38.98 2.84
C PHE B 157 -0.55 -39.83 4.03
N ASP B 158 0.66 -40.40 4.01
CA ASP B 158 1.16 -41.15 5.16
C ASP B 158 1.65 -40.23 6.27
N LYS B 159 1.17 -38.99 6.26
CA LYS B 159 1.42 -37.96 7.27
C LYS B 159 2.83 -37.41 7.21
N THR B 160 3.55 -37.66 6.13
CA THR B 160 4.99 -37.43 6.16
C THR B 160 5.44 -36.76 4.87
N CYS B 161 6.53 -36.01 4.99
CA CYS B 161 7.18 -35.32 3.89
C CYS B 161 8.63 -35.82 3.82
N LYS B 162 9.06 -36.19 2.63
CA LYS B 162 10.39 -36.72 2.41
C LYS B 162 11.15 -35.71 1.57
N LEU B 163 12.43 -35.54 1.87
CA LEU B 163 13.30 -34.60 1.18
C LEU B 163 14.33 -35.38 0.38
N TRP B 164 14.42 -35.08 -0.91
CA TRP B 164 15.26 -35.82 -1.85
C TRP B 164 16.19 -34.89 -2.58
N ASP B 165 17.27 -35.48 -3.10
CA ASP B 165 18.21 -34.79 -3.98
C ASP B 165 17.79 -34.99 -5.42
N ALA B 166 17.74 -33.90 -6.19
CA ALA B 166 17.22 -33.99 -7.55
C ALA B 166 18.23 -34.58 -8.52
N TYR B 167 19.52 -34.40 -8.24
CA TYR B 167 20.57 -34.89 -9.12
C TYR B 167 20.99 -36.30 -8.73
N THR B 168 21.07 -36.56 -7.43
CA THR B 168 21.30 -37.87 -6.84
C THR B 168 19.98 -38.36 -6.25
N GLY B 169 19.56 -39.56 -6.59
CA GLY B 169 18.23 -39.92 -6.11
C GLY B 169 18.04 -40.07 -4.61
N GLN B 170 19.03 -39.66 -3.82
CA GLN B 170 19.09 -40.08 -2.42
C GLN B 170 18.08 -39.35 -1.55
N LEU B 171 17.54 -40.09 -0.57
CA LEU B 171 16.65 -39.56 0.44
C LEU B 171 17.48 -38.93 1.55
N TYR B 172 17.30 -37.63 1.79
CA TYR B 172 17.97 -36.98 2.91
C TYR B 172 17.24 -37.24 4.21
N TYR B 173 15.97 -36.83 4.28
CA TYR B 173 15.21 -36.79 5.52
C TYR B 173 13.78 -37.22 5.27
N THR B 174 13.16 -37.74 6.32
CA THR B 174 11.73 -37.98 6.39
C THR B 174 11.20 -37.05 7.47
N LEU B 175 10.31 -36.14 7.07
CA LEU B 175 9.80 -35.12 7.99
C LEU B 175 8.52 -35.65 8.61
N LYS B 176 8.60 -36.05 9.87
CA LYS B 176 7.51 -36.62 10.65
C LYS B 176 7.07 -35.65 11.73
N GLY B 177 5.76 -35.59 11.98
CA GLY B 177 5.23 -34.75 13.04
C GLY B 177 3.75 -34.48 12.85
N HIS B 178 3.29 -34.41 11.60
CA HIS B 178 1.88 -34.19 11.31
C HIS B 178 1.06 -35.39 11.71
N GLN B 179 -0.19 -35.12 12.11
CA GLN B 179 -1.09 -36.15 12.59
C GLN B 179 -2.01 -36.67 11.51
N THR B 180 -2.02 -36.02 10.34
CA THR B 180 -2.97 -36.31 9.29
C THR B 180 -2.23 -36.07 7.98
N GLU B 181 -2.85 -36.42 6.86
CA GLU B 181 -2.19 -36.36 5.58
C GLU B 181 -1.72 -34.94 5.28
N ILE B 182 -0.63 -34.87 4.49
CA ILE B 182 -0.07 -33.62 3.98
C ILE B 182 -0.71 -33.28 2.64
N VAL B 183 -1.10 -32.02 2.48
CA VAL B 183 -1.85 -31.60 1.29
C VAL B 183 -1.18 -30.47 0.51
N CYS B 184 -0.21 -29.75 1.07
CA CYS B 184 0.54 -28.74 0.34
C CYS B 184 1.87 -28.54 1.05
N LEU B 185 2.85 -28.03 0.30
CA LEU B 185 4.16 -27.78 0.85
C LEU B 185 4.89 -26.80 -0.07
N SER B 186 6.04 -26.31 0.41
CA SER B 186 6.86 -25.40 -0.39
C SER B 186 8.19 -25.19 0.30
N PHE B 187 9.27 -25.16 -0.49
CA PHE B 187 10.52 -24.58 -0.03
C PHE B 187 10.37 -23.07 0.11
N ASN B 188 11.23 -22.46 0.91
CA ASN B 188 11.26 -21.01 0.82
C ASN B 188 12.24 -20.60 -0.26
N PRO B 189 12.19 -19.37 -0.77
CA PRO B 189 13.30 -18.89 -1.60
C PRO B 189 14.54 -18.95 -0.73
N GLN B 190 15.68 -19.24 -1.33
CA GLN B 190 16.98 -19.47 -0.68
C GLN B 190 17.03 -20.89 -0.16
N SER B 191 15.90 -21.61 -0.16
CA SER B 191 15.86 -23.05 0.08
C SER B 191 16.47 -23.44 1.43
N THR B 192 16.17 -22.66 2.49
CA THR B 192 16.60 -22.99 3.84
C THR B 192 15.48 -23.56 4.71
N ILE B 193 14.23 -23.43 4.28
CA ILE B 193 13.08 -23.86 5.05
C ILE B 193 12.07 -24.54 4.14
N ILE B 194 11.58 -25.69 4.58
CA ILE B 194 10.45 -26.39 3.98
C ILE B 194 9.23 -26.08 4.81
N ALA B 195 8.10 -25.84 4.16
CA ALA B 195 6.83 -25.63 4.85
C ALA B 195 5.85 -26.70 4.39
N THR B 196 5.15 -27.32 5.33
CA THR B 196 4.16 -28.33 4.99
C THR B 196 2.82 -27.94 5.60
N GLY B 197 1.76 -28.04 4.82
CA GLY B 197 0.40 -27.79 5.29
C GLY B 197 -0.36 -29.12 5.29
N SER B 198 -1.13 -29.35 6.35
CA SER B 198 -1.75 -30.65 6.55
C SER B 198 -3.22 -30.51 6.87
N MET B 199 -3.90 -31.66 6.86
CA MET B 199 -5.29 -31.70 7.29
C MET B 199 -5.47 -31.82 8.78
N ASP B 200 -4.39 -31.90 9.56
CA ASP B 200 -4.47 -31.79 11.00
C ASP B 200 -4.59 -30.32 11.47
N ASN B 201 -4.86 -29.39 10.54
CA ASN B 201 -5.08 -27.97 10.74
C ASN B 201 -3.81 -27.19 11.06
N THR B 202 -2.63 -27.79 10.93
CA THR B 202 -1.39 -27.08 11.19
C THR B 202 -0.53 -27.04 9.94
N ALA B 203 0.30 -26.01 9.86
CA ALA B 203 1.47 -25.99 9.00
C ALA B 203 2.70 -26.14 9.88
N LYS B 204 3.77 -26.62 9.29
CA LYS B 204 5.04 -26.78 10.00
C LYS B 204 6.16 -26.24 9.13
N LEU B 205 7.17 -25.68 9.79
CA LEU B 205 8.38 -25.20 9.14
C LEU B 205 9.54 -26.10 9.54
N TRP B 206 10.35 -26.51 8.56
CA TRP B 206 11.44 -27.45 8.76
C TRP B 206 12.73 -26.86 8.22
N ASP B 207 13.85 -27.32 8.75
CA ASP B 207 15.17 -26.89 8.29
C ASP B 207 15.66 -27.90 7.26
N VAL B 208 16.01 -27.42 6.06
CA VAL B 208 16.37 -28.38 5.02
C VAL B 208 17.73 -29.01 5.26
N GLU B 209 18.54 -28.44 6.16
CA GLU B 209 19.88 -28.97 6.42
C GLU B 209 19.85 -30.06 7.49
N THR B 210 19.32 -29.74 8.67
CA THR B 210 19.22 -30.73 9.74
C THR B 210 17.98 -31.61 9.61
N GLY B 211 16.99 -31.18 8.84
CA GLY B 211 15.76 -31.94 8.74
C GLY B 211 14.86 -31.84 9.95
N GLN B 212 15.28 -31.12 10.99
CA GLN B 212 14.52 -31.07 12.21
C GLN B 212 13.43 -30.01 12.12
N GLU B 213 12.28 -30.31 12.73
CA GLU B 213 11.16 -29.38 12.74
C GLU B 213 11.55 -28.12 13.48
N ARG B 214 11.17 -26.99 12.91
CA ARG B 214 11.54 -25.68 13.40
C ARG B 214 10.41 -25.02 14.17
N ALA B 215 9.17 -25.24 13.77
CA ALA B 215 8.03 -24.65 14.44
C ALA B 215 6.76 -25.30 13.90
N THR B 216 5.71 -25.27 14.71
CA THR B 216 4.36 -25.69 14.31
C THR B 216 3.45 -24.48 14.37
N LEU B 217 2.79 -24.19 13.25
CA LEU B 217 1.94 -23.01 13.08
C LEU B 217 0.50 -23.45 13.28
N ALA B 218 0.01 -23.28 14.51
CA ALA B 218 -1.33 -23.70 14.90
C ALA B 218 -2.27 -22.51 15.01
N GLY B 219 -3.56 -22.77 14.79
CA GLY B 219 -4.56 -21.73 14.95
C GLY B 219 -5.71 -21.86 13.96
N HIS B 220 -5.42 -22.39 12.78
CA HIS B 220 -6.47 -22.69 11.82
C HIS B 220 -7.39 -23.78 12.37
N ARG B 221 -8.68 -23.69 12.03
CA ARG B 221 -9.69 -24.62 12.52
C ARG B 221 -10.07 -25.68 11.48
N ALA B 222 -9.38 -25.70 10.35
CA ALA B 222 -9.57 -26.73 9.34
C ALA B 222 -8.30 -26.80 8.51
N GLU B 223 -8.26 -27.75 7.59
CA GLU B 223 -7.04 -28.10 6.88
C GLU B 223 -6.39 -26.88 6.25
N ILE B 224 -5.08 -26.95 6.06
CA ILE B 224 -4.35 -25.96 5.30
C ILE B 224 -4.36 -26.44 3.86
N VAL B 225 -5.07 -25.72 3.00
CA VAL B 225 -5.18 -26.11 1.61
C VAL B 225 -4.07 -25.53 0.75
N SER B 226 -3.42 -24.44 1.21
CA SER B 226 -2.53 -23.64 0.39
C SER B 226 -1.42 -23.10 1.27
N LEU B 227 -0.21 -22.98 0.69
CA LEU B 227 0.96 -22.40 1.37
C LEU B 227 1.65 -21.37 0.48
N GLY B 228 2.60 -20.65 1.06
CA GLY B 228 3.40 -19.70 0.30
C GLY B 228 4.26 -18.77 1.14
N PHE B 229 5.55 -18.73 0.83
CA PHE B 229 6.48 -17.77 1.39
C PHE B 229 6.45 -16.49 0.58
N ASN B 230 6.79 -15.39 1.23
CA ASN B 230 7.04 -14.19 0.45
C ASN B 230 8.49 -14.17 -0.01
N THR B 231 8.76 -13.28 -0.96
CA THR B 231 10.12 -13.06 -1.42
C THR B 231 10.95 -12.62 -0.23
N GLY B 232 12.05 -13.29 0.02
CA GLY B 232 12.82 -12.95 1.18
C GLY B 232 12.49 -13.77 2.42
N GLY B 233 11.47 -14.62 2.35
CA GLY B 233 11.22 -15.66 3.35
C GLY B 233 10.88 -15.22 4.75
N ASP B 234 10.44 -13.98 4.96
CA ASP B 234 10.14 -13.50 6.31
C ASP B 234 8.80 -14.02 6.80
N LEU B 235 7.85 -14.18 5.90
CA LEU B 235 6.46 -14.49 6.22
C LEU B 235 5.99 -15.64 5.35
N ILE B 236 4.88 -16.22 5.77
CA ILE B 236 4.23 -17.29 5.03
C ILE B 236 2.73 -17.10 5.15
N VAL B 237 2.01 -17.26 4.00
CA VAL B 237 0.55 -17.33 4.00
C VAL B 237 0.13 -18.78 4.01
N THR B 238 -0.97 -19.05 4.71
CA THR B 238 -1.64 -20.34 4.68
C THR B 238 -3.11 -20.07 4.40
N GLY B 239 -3.67 -20.78 3.43
CA GLY B 239 -5.09 -20.72 3.16
C GLY B 239 -5.79 -21.92 3.78
N SER B 240 -7.01 -21.72 4.27
CA SER B 240 -7.62 -22.75 5.06
C SER B 240 -9.07 -22.98 4.68
N PHE B 241 -9.51 -24.20 4.92
CA PHE B 241 -10.92 -24.56 4.83
C PHE B 241 -11.77 -23.91 5.93
N ASP B 242 -11.16 -23.27 6.93
CA ASP B 242 -11.93 -22.56 7.94
C ASP B 242 -12.35 -21.15 7.51
N HIS B 243 -12.17 -20.79 6.25
CA HIS B 243 -12.54 -19.53 5.60
C HIS B 243 -11.50 -18.44 5.83
N ASP B 244 -10.44 -18.69 6.60
CA ASP B 244 -9.43 -17.70 6.90
C ASP B 244 -8.11 -18.00 6.21
N SER B 245 -7.36 -16.95 5.92
N SER B 245 -7.37 -16.95 5.88
CA SER B 245 -5.93 -17.04 5.62
CA SER B 245 -5.94 -17.05 5.64
C SER B 245 -5.17 -16.39 6.77
C SER B 245 -5.22 -16.47 6.85
N ARG B 246 -4.01 -16.96 7.10
CA ARG B 246 -3.22 -16.49 8.23
C ARG B 246 -1.83 -16.13 7.77
N LEU B 247 -1.35 -14.99 8.26
CA LEU B 247 0.01 -14.54 8.06
C LEU B 247 0.83 -14.95 9.25
N TRP B 248 1.98 -15.58 8.99
CA TRP B 248 2.86 -16.07 10.05
C TRP B 248 4.26 -15.53 9.82
N ASP B 249 4.96 -15.23 10.91
CA ASP B 249 6.35 -14.80 10.82
C ASP B 249 7.20 -16.07 10.84
N VAL B 250 8.07 -16.22 9.83
CA VAL B 250 8.81 -17.46 9.61
C VAL B 250 9.87 -17.69 10.66
N ARG B 251 10.30 -16.64 11.34
CA ARG B 251 11.41 -16.75 12.26
C ARG B 251 10.92 -17.08 13.68
N THR B 252 9.87 -16.40 14.13
CA THR B 252 9.29 -16.73 15.43
C THR B 252 8.39 -17.96 15.37
N GLY B 253 7.71 -18.19 14.26
CA GLY B 253 6.71 -19.23 14.17
C GLY B 253 5.34 -18.80 14.63
N GLN B 254 5.12 -17.50 14.82
CA GLN B 254 3.90 -16.95 15.37
C GLN B 254 2.99 -16.41 14.29
N CYS B 255 1.70 -16.45 14.57
CA CYS B 255 0.73 -15.85 13.68
C CYS B 255 0.77 -14.33 13.82
N VAL B 256 0.94 -13.63 12.71
CA VAL B 256 1.00 -12.17 12.72
C VAL B 256 -0.35 -11.54 12.40
N HIS B 257 -1.12 -12.14 11.51
CA HIS B 257 -2.46 -11.67 11.22
C HIS B 257 -3.33 -12.86 10.87
N VAL B 258 -4.60 -12.75 11.22
CA VAL B 258 -5.66 -13.62 10.73
C VAL B 258 -6.46 -12.78 9.74
N LEU B 259 -6.51 -13.21 8.49
CA LEU B 259 -7.23 -12.47 7.46
C LEU B 259 -8.64 -13.07 7.40
N SER B 260 -9.61 -12.35 7.96
CA SER B 260 -10.99 -12.80 8.03
C SER B 260 -11.85 -11.96 7.11
N GLY B 261 -12.81 -12.60 6.46
CA GLY B 261 -13.76 -11.92 5.60
C GLY B 261 -14.45 -12.85 4.64
N HIS B 262 -13.76 -13.90 4.21
CA HIS B 262 -14.39 -14.90 3.36
C HIS B 262 -15.49 -15.62 4.12
N ARG B 263 -16.57 -15.92 3.42
CA ARG B 263 -17.70 -16.67 3.95
C ARG B 263 -17.69 -18.12 3.46
N GLY B 264 -16.51 -18.63 3.12
CA GLY B 264 -16.38 -19.97 2.57
C GLY B 264 -14.91 -20.33 2.52
N GLU B 265 -14.65 -21.60 2.28
CA GLU B 265 -13.28 -22.10 2.31
C GLU B 265 -12.40 -21.32 1.36
N VAL B 266 -11.20 -21.02 1.82
CA VAL B 266 -10.18 -20.39 0.98
C VAL B 266 -9.58 -21.47 0.10
N SER B 267 -9.46 -21.21 -1.19
CA SER B 267 -8.89 -22.21 -2.08
C SER B 267 -7.49 -21.90 -2.54
N SER B 268 -7.06 -20.64 -2.41
CA SER B 268 -5.88 -20.16 -3.08
C SER B 268 -5.46 -18.87 -2.40
N THR B 269 -4.15 -18.67 -2.28
CA THR B 269 -3.52 -17.52 -1.66
C THR B 269 -2.23 -17.23 -2.39
N GLN B 270 -1.83 -15.96 -2.43
CA GLN B 270 -0.56 -15.64 -3.06
C GLN B 270 -0.08 -14.28 -2.60
N PHE B 271 1.19 -14.19 -2.27
CA PHE B 271 1.83 -12.90 -2.07
C PHE B 271 2.08 -12.25 -3.42
N ASN B 272 2.07 -10.91 -3.45
CA ASN B 272 2.65 -10.25 -4.60
C ASN B 272 4.17 -10.32 -4.48
N TYR B 273 4.85 -9.97 -5.58
CA TYR B 273 6.31 -10.04 -5.57
C TYR B 273 6.88 -9.12 -4.51
N ALA B 274 6.29 -7.94 -4.36
CA ALA B 274 6.76 -6.96 -3.40
C ALA B 274 6.60 -7.45 -1.96
N GLY B 275 5.74 -8.43 -1.71
CA GLY B 275 5.52 -8.89 -0.35
C GLY B 275 4.59 -8.01 0.45
N THR B 276 3.85 -7.10 -0.20
CA THR B 276 2.99 -6.13 0.45
C THR B 276 1.51 -6.47 0.31
N LEU B 277 1.17 -7.51 -0.44
CA LEU B 277 -0.22 -7.85 -0.70
C LEU B 277 -0.39 -9.35 -0.69
N VAL B 278 -1.57 -9.78 -0.28
CA VAL B 278 -2.02 -11.15 -0.39
C VAL B 278 -3.31 -11.12 -1.17
N VAL B 279 -3.45 -12.04 -2.13
CA VAL B 279 -4.72 -12.26 -2.80
C VAL B 279 -5.19 -13.66 -2.46
N SER B 280 -6.46 -13.79 -2.09
CA SER B 280 -7.04 -15.07 -1.77
C SER B 280 -8.31 -15.31 -2.59
N GLY B 281 -8.58 -16.58 -2.87
CA GLY B 281 -9.81 -16.95 -3.53
C GLY B 281 -10.59 -17.90 -2.68
N SER B 282 -11.90 -18.02 -2.92
CA SER B 282 -12.73 -18.75 -1.98
C SER B 282 -13.94 -19.35 -2.66
N ILE B 283 -14.47 -20.39 -2.02
CA ILE B 283 -15.70 -21.03 -2.44
C ILE B 283 -16.90 -20.09 -2.30
N ASP B 284 -16.76 -19.00 -1.52
CA ASP B 284 -17.79 -17.98 -1.43
C ASP B 284 -17.81 -17.08 -2.67
N CYS B 285 -17.17 -17.52 -3.75
CA CYS B 285 -17.26 -16.92 -5.08
C CYS B 285 -16.61 -15.54 -5.16
N THR B 286 -15.65 -15.26 -4.30
N THR B 286 -15.71 -15.21 -4.24
CA THR B 286 -15.07 -13.93 -4.16
CA THR B 286 -15.04 -13.92 -4.31
C THR B 286 -13.54 -14.03 -4.07
C THR B 286 -13.54 -14.12 -4.33
N SER B 287 -12.86 -13.01 -4.60
CA SER B 287 -11.44 -12.84 -4.40
C SER B 287 -11.26 -11.61 -3.52
N ARG B 288 -10.21 -11.62 -2.69
CA ARG B 288 -9.96 -10.55 -1.73
C ARG B 288 -8.49 -10.16 -1.73
N LEU B 289 -8.24 -8.88 -1.48
CA LEU B 289 -6.89 -8.32 -1.52
C LEU B 289 -6.58 -7.73 -0.16
N TRP B 290 -5.51 -8.21 0.48
CA TRP B 290 -5.21 -7.91 1.87
C TRP B 290 -3.88 -7.21 2.00
N ASP B 291 -3.80 -6.26 2.94
CA ASP B 291 -2.57 -5.56 3.25
C ASP B 291 -1.74 -6.42 4.18
N VAL B 292 -0.48 -6.70 3.80
CA VAL B 292 0.33 -7.62 4.60
C VAL B 292 0.72 -6.99 5.93
N ARG B 293 0.97 -5.68 5.94
CA ARG B 293 1.49 -5.05 7.15
C ARG B 293 0.42 -4.96 8.23
N SER B 294 -0.80 -4.63 7.84
CA SER B 294 -1.86 -4.41 8.80
C SER B 294 -2.82 -5.60 8.90
N GLY B 295 -2.83 -6.45 7.88
CA GLY B 295 -3.66 -7.63 7.83
C GLY B 295 -5.11 -7.37 7.49
N ARG B 296 -5.44 -6.19 6.99
N ARG B 296 -5.44 -6.19 6.99
CA ARG B 296 -6.83 -5.85 6.71
CA ARG B 296 -6.82 -5.85 6.71
C ARG B 296 -7.12 -5.93 5.21
C ARG B 296 -7.11 -5.98 5.21
N CYS B 297 -8.36 -6.31 4.89
CA CYS B 297 -8.79 -6.47 3.51
C CYS B 297 -8.87 -5.11 2.83
N LEU B 298 -8.13 -4.94 1.74
CA LEU B 298 -8.17 -3.72 0.95
C LEU B 298 -9.26 -3.71 -0.12
N SER B 299 -9.72 -4.87 -0.55
CA SER B 299 -10.59 -4.95 -1.71
C SER B 299 -11.26 -6.32 -1.71
N VAL B 300 -12.57 -6.32 -2.01
CA VAL B 300 -13.37 -7.51 -2.19
C VAL B 300 -13.89 -7.50 -3.61
N LYS B 301 -13.60 -8.55 -4.35
CA LYS B 301 -13.91 -8.58 -5.78
C LYS B 301 -14.98 -9.63 -6.03
N GLN B 302 -16.14 -9.19 -6.45
CA GLN B 302 -17.25 -10.06 -6.80
C GLN B 302 -17.33 -10.09 -8.31
N GLY B 303 -18.38 -10.73 -8.85
CA GLY B 303 -18.55 -10.87 -10.27
C GLY B 303 -18.48 -12.29 -10.77
N HIS B 304 -17.72 -13.15 -10.08
CA HIS B 304 -17.82 -14.56 -10.38
C HIS B 304 -19.18 -15.10 -9.93
N THR B 305 -19.67 -16.06 -10.71
CA THR B 305 -20.96 -16.70 -10.57
C THR B 305 -20.88 -18.03 -9.82
N ASP B 306 -19.67 -18.54 -9.62
CA ASP B 306 -19.44 -19.82 -8.98
C ASP B 306 -18.13 -19.70 -8.21
N GLU B 307 -17.76 -20.78 -7.52
CA GLU B 307 -16.59 -20.80 -6.64
C GLU B 307 -15.32 -20.31 -7.34
N VAL B 308 -14.53 -19.51 -6.63
CA VAL B 308 -13.21 -19.11 -7.10
C VAL B 308 -12.21 -20.19 -6.72
N LEU B 309 -11.62 -20.83 -7.73
CA LEU B 309 -10.78 -22.01 -7.56
C LEU B 309 -9.30 -21.69 -7.51
N ASP B 310 -8.88 -20.56 -8.08
CA ASP B 310 -7.47 -20.21 -8.14
C ASP B 310 -7.36 -18.71 -8.26
N VAL B 311 -6.21 -18.19 -7.84
N VAL B 311 -6.26 -18.17 -7.74
CA VAL B 311 -5.95 -16.76 -7.80
CA VAL B 311 -5.97 -16.74 -7.88
C VAL B 311 -4.46 -16.55 -8.05
C VAL B 311 -4.48 -16.60 -8.14
N ALA B 312 -4.11 -15.54 -8.83
CA ALA B 312 -2.71 -15.30 -9.16
C ALA B 312 -2.46 -13.84 -9.49
N PHE B 313 -1.26 -13.38 -9.16
CA PHE B 313 -0.67 -12.13 -9.61
C PHE B 313 0.18 -12.37 -10.84
N ASP B 314 0.50 -11.30 -11.54
CA ASP B 314 1.56 -11.42 -12.53
C ASP B 314 2.89 -11.19 -11.84
N ALA B 315 3.98 -11.30 -12.60
CA ALA B 315 5.32 -11.24 -12.01
C ALA B 315 5.52 -9.97 -11.19
N ALA B 316 5.08 -8.83 -11.70
CA ALA B 316 5.27 -7.55 -11.04
C ALA B 316 4.27 -7.31 -9.93
N GLY B 317 3.07 -7.85 -10.06
CA GLY B 317 1.97 -7.57 -9.17
C GLY B 317 1.04 -6.51 -9.69
N THR B 318 1.22 -6.07 -10.95
CA THR B 318 0.39 -5.03 -11.53
C THR B 318 -1.02 -5.55 -11.83
N LYS B 319 -1.14 -6.82 -12.18
CA LYS B 319 -2.42 -7.41 -12.51
C LYS B 319 -2.65 -8.63 -11.64
N MET B 320 -3.93 -8.95 -11.45
CA MET B 320 -4.33 -10.15 -10.73
C MET B 320 -5.48 -10.78 -11.48
N VAL B 321 -5.56 -12.10 -11.38
CA VAL B 321 -6.56 -12.87 -12.07
C VAL B 321 -7.13 -13.87 -11.09
N SER B 322 -8.40 -14.22 -11.28
CA SER B 322 -9.04 -15.28 -10.53
C SER B 322 -9.72 -16.22 -11.51
N ALA B 323 -9.67 -17.51 -11.23
CA ALA B 323 -10.29 -18.53 -12.04
C ALA B 323 -11.41 -19.18 -11.25
N SER B 324 -12.53 -19.46 -11.90
CA SER B 324 -13.72 -19.89 -11.17
C SER B 324 -14.34 -21.13 -11.78
N ALA B 325 -15.19 -21.77 -10.98
CA ALA B 325 -15.98 -22.88 -11.46
C ALA B 325 -17.02 -22.47 -12.49
N ASP B 326 -17.26 -21.17 -12.68
CA ASP B 326 -18.26 -20.72 -13.64
C ASP B 326 -17.74 -20.75 -15.08
N GLY B 327 -16.56 -21.27 -15.31
CA GLY B 327 -15.99 -21.30 -16.65
C GLY B 327 -15.24 -20.06 -17.09
N SER B 328 -15.05 -19.09 -16.21
CA SER B 328 -14.44 -17.81 -16.58
C SER B 328 -13.22 -17.51 -15.72
N ALA B 329 -12.40 -16.59 -16.23
CA ALA B 329 -11.35 -15.95 -15.46
C ALA B 329 -11.61 -14.45 -15.53
N ARG B 330 -11.50 -13.78 -14.40
CA ARG B 330 -11.65 -12.34 -14.37
C ARG B 330 -10.28 -11.72 -14.14
N LEU B 331 -9.94 -10.76 -14.99
CA LEU B 331 -8.60 -10.20 -15.02
C LEU B 331 -8.69 -8.75 -14.56
N TYR B 332 -7.97 -8.42 -13.48
CA TYR B 332 -8.04 -7.11 -12.85
C TYR B 332 -6.68 -6.42 -12.82
N HIS B 333 -6.72 -5.12 -12.56
CA HIS B 333 -5.53 -4.37 -12.18
C HIS B 333 -5.57 -4.22 -10.67
N THR B 334 -4.41 -4.42 -10.05
CA THR B 334 -4.34 -4.60 -8.61
C THR B 334 -4.82 -3.35 -7.88
N LEU B 335 -4.23 -2.20 -8.21
CA LEU B 335 -4.45 -0.96 -7.46
C LEU B 335 -5.82 -0.34 -7.74
N THR B 336 -6.12 -0.02 -9.01
CA THR B 336 -7.40 0.60 -9.31
C THR B 336 -8.55 -0.36 -9.09
N GLY B 337 -8.31 -1.65 -9.26
CA GLY B 337 -9.31 -2.67 -9.05
C GLY B 337 -10.27 -2.90 -10.19
N VAL B 338 -10.20 -2.11 -11.26
CA VAL B 338 -11.16 -2.27 -12.35
C VAL B 338 -10.86 -3.58 -13.06
N CYS B 339 -11.91 -4.31 -13.41
CA CYS B 339 -11.77 -5.57 -14.15
C CYS B 339 -11.51 -5.24 -15.61
N GLN B 340 -10.32 -5.59 -16.09
CA GLN B 340 -9.96 -5.28 -17.46
C GLN B 340 -10.68 -6.20 -18.45
N HIS B 341 -10.80 -7.50 -18.14
CA HIS B 341 -11.45 -8.44 -19.05
C HIS B 341 -12.06 -9.62 -18.29
N THR B 342 -13.19 -10.09 -18.81
CA THR B 342 -13.79 -11.37 -18.41
C THR B 342 -13.53 -12.37 -19.54
N LEU B 343 -12.76 -13.40 -19.25
CA LEU B 343 -12.30 -14.37 -20.23
C LEU B 343 -13.22 -15.59 -20.17
N VAL B 344 -14.11 -15.69 -21.14
CA VAL B 344 -14.99 -16.84 -21.24
C VAL B 344 -14.67 -17.56 -22.55
N GLY B 345 -15.03 -18.84 -22.59
CA GLY B 345 -14.69 -19.72 -23.68
C GLY B 345 -14.59 -21.16 -23.23
N HIS B 346 -14.16 -21.34 -21.98
CA HIS B 346 -14.05 -22.69 -21.44
C HIS B 346 -15.42 -23.28 -21.21
N GLU B 347 -15.61 -24.49 -21.71
CA GLU B 347 -16.87 -25.20 -21.51
C GLU B 347 -16.96 -25.82 -20.12
N GLY B 348 -15.86 -25.86 -19.37
CA GLY B 348 -15.87 -26.42 -18.03
C GLY B 348 -15.35 -25.46 -16.97
N GLU B 349 -15.14 -25.96 -15.76
CA GLU B 349 -14.57 -25.17 -14.68
C GLU B 349 -13.07 -24.96 -14.87
N ILE B 350 -12.52 -23.97 -14.17
CA ILE B 350 -11.12 -23.58 -14.33
C ILE B 350 -10.37 -23.82 -13.02
N SER B 351 -9.42 -24.76 -13.04
CA SER B 351 -8.72 -25.18 -11.84
C SER B 351 -7.52 -24.30 -11.51
N LYS B 352 -6.83 -23.78 -12.51
CA LYS B 352 -5.54 -23.11 -12.32
C LYS B 352 -5.39 -21.98 -13.33
N VAL B 353 -4.67 -20.92 -12.92
CA VAL B 353 -4.33 -19.81 -13.80
C VAL B 353 -2.87 -19.43 -13.55
N ALA B 354 -2.22 -18.99 -14.62
CA ALA B 354 -0.83 -18.58 -14.54
C ALA B 354 -0.62 -17.48 -15.56
N PHE B 355 0.07 -16.42 -15.14
CA PHE B 355 0.61 -15.47 -16.09
C PHE B 355 1.91 -16.01 -16.66
N ASN B 356 2.21 -15.62 -17.89
CA ASN B 356 3.53 -15.86 -18.41
C ASN B 356 4.51 -14.89 -17.72
N PRO B 357 5.80 -15.18 -17.78
CA PRO B 357 6.79 -14.29 -17.16
C PRO B 357 6.67 -12.80 -17.54
N GLN B 358 6.37 -12.47 -18.80
CA GLN B 358 6.23 -11.07 -19.18
C GLN B 358 4.87 -10.48 -18.85
N GLY B 359 3.92 -11.27 -18.36
CA GLY B 359 2.66 -10.72 -17.91
C GLY B 359 1.70 -10.28 -19.00
N THR B 360 1.91 -10.74 -20.23
CA THR B 360 1.08 -10.36 -21.37
C THR B 360 0.08 -11.43 -21.74
N ARG B 361 0.25 -12.65 -21.23
CA ARG B 361 -0.64 -13.73 -21.60
C ARG B 361 -1.04 -14.50 -20.35
N LEU B 362 -1.99 -15.40 -20.53
CA LEU B 362 -2.61 -16.06 -19.41
C LEU B 362 -2.99 -17.44 -19.91
N ILE B 363 -2.77 -18.45 -19.09
CA ILE B 363 -3.19 -19.81 -19.42
C ILE B 363 -4.15 -20.26 -18.35
N THR B 364 -5.13 -21.07 -18.74
CA THR B 364 -6.17 -21.54 -17.82
C THR B 364 -6.33 -23.03 -18.05
N ALA B 365 -6.40 -23.78 -16.96
CA ALA B 365 -6.64 -25.21 -17.03
C ALA B 365 -8.09 -25.49 -16.69
N SER B 366 -8.72 -26.38 -17.45
CA SER B 366 -10.14 -26.59 -17.31
C SER B 366 -10.50 -28.07 -17.28
N SER B 367 -11.69 -28.32 -16.73
CA SER B 367 -12.25 -29.67 -16.70
C SER B 367 -12.74 -30.12 -18.06
N ASP B 368 -12.85 -29.21 -19.03
CA ASP B 368 -13.22 -29.55 -20.40
C ASP B 368 -12.05 -30.10 -21.21
N LYS B 369 -11.00 -30.57 -20.54
CA LYS B 369 -9.87 -31.28 -21.15
C LYS B 369 -8.99 -30.38 -21.98
N THR B 370 -9.06 -29.08 -21.76
CA THR B 370 -8.43 -28.10 -22.65
C THR B 370 -7.74 -27.02 -21.82
N CYS B 371 -6.67 -26.47 -22.39
CA CYS B 371 -5.91 -25.40 -21.78
C CYS B 371 -5.83 -24.24 -22.78
N ARG B 372 -6.26 -23.06 -22.35
CA ARG B 372 -6.41 -21.93 -23.24
C ARG B 372 -5.41 -20.83 -22.91
N LEU B 373 -4.91 -20.18 -23.95
CA LEU B 373 -3.94 -19.10 -23.85
C LEU B 373 -4.62 -17.79 -24.26
N TRP B 374 -4.57 -16.80 -23.38
CA TRP B 374 -5.31 -15.57 -23.59
C TRP B 374 -4.37 -14.37 -23.64
N ASP B 375 -4.84 -13.33 -24.30
CA ASP B 375 -4.10 -12.07 -24.39
C ASP B 375 -4.63 -11.13 -23.31
N CYS B 376 -3.76 -10.71 -22.39
CA CYS B 376 -4.23 -9.92 -21.25
C CYS B 376 -4.75 -8.55 -21.69
N ASP B 377 -4.25 -8.05 -22.81
CA ASP B 377 -4.60 -6.72 -23.28
C ASP B 377 -5.96 -6.73 -23.96
N THR B 378 -6.23 -7.77 -24.75
CA THR B 378 -7.44 -7.86 -25.55
C THR B 378 -8.49 -8.77 -24.94
N GLY B 379 -8.11 -9.69 -24.05
CA GLY B 379 -9.05 -10.66 -23.54
C GLY B 379 -9.38 -11.76 -24.53
N GLU B 380 -8.73 -11.75 -25.69
CA GLU B 380 -9.01 -12.72 -26.74
C GLU B 380 -8.18 -13.96 -26.50
N CYS B 381 -8.77 -15.11 -26.82
CA CYS B 381 -8.12 -16.42 -26.65
C CYS B 381 -7.22 -16.69 -27.83
N LEU B 382 -5.92 -16.74 -27.59
CA LEU B 382 -5.00 -16.96 -28.70
C LEU B 382 -4.93 -18.41 -29.11
N GLN B 383 -4.99 -19.33 -28.16
CA GLN B 383 -4.80 -20.73 -28.53
C GLN B 383 -5.58 -21.63 -27.59
N VAL B 384 -6.11 -22.71 -28.13
CA VAL B 384 -6.72 -23.77 -27.35
C VAL B 384 -5.81 -24.99 -27.48
N LEU B 385 -5.25 -25.42 -26.35
CA LEU B 385 -4.31 -26.53 -26.31
C LEU B 385 -5.11 -27.79 -26.08
N GLU B 386 -5.12 -28.67 -27.07
CA GLU B 386 -6.02 -29.80 -27.06
C GLU B 386 -5.21 -31.08 -27.13
N GLY B 387 -5.78 -32.15 -26.57
CA GLY B 387 -5.11 -33.42 -26.66
C GLY B 387 -5.30 -34.29 -25.43
N HIS B 388 -5.46 -33.66 -24.27
CA HIS B 388 -5.76 -34.43 -23.06
C HIS B 388 -7.17 -35.02 -23.20
N THR B 389 -7.34 -36.22 -22.67
CA THR B 389 -8.60 -36.95 -22.75
C THR B 389 -9.43 -36.83 -21.48
N ASP B 390 -8.93 -36.12 -20.47
CA ASP B 390 -9.60 -35.93 -19.19
C ASP B 390 -9.30 -34.51 -18.71
N GLU B 391 -9.81 -34.14 -17.54
CA GLU B 391 -9.63 -32.78 -17.04
C GLU B 391 -8.17 -32.45 -16.87
N ILE B 392 -7.82 -31.20 -17.14
CA ILE B 392 -6.48 -30.69 -16.84
C ILE B 392 -6.53 -30.08 -15.44
N PHE B 393 -5.72 -30.61 -14.52
CA PHE B 393 -5.70 -30.08 -13.16
C PHE B 393 -4.55 -29.09 -12.92
N SER B 394 -3.70 -28.88 -13.91
CA SER B 394 -2.45 -28.14 -13.66
C SER B 394 -1.95 -27.56 -14.98
N CYS B 395 -1.41 -26.34 -14.92
CA CYS B 395 -0.71 -25.75 -16.05
C CYS B 395 0.23 -24.69 -15.52
N ALA B 396 1.45 -24.68 -16.04
CA ALA B 396 2.44 -23.72 -15.56
C ALA B 396 3.47 -23.49 -16.64
N PHE B 397 4.04 -22.28 -16.63
CA PHE B 397 5.19 -21.92 -17.44
C PHE B 397 6.47 -22.30 -16.72
N ASN B 398 7.54 -22.52 -17.49
CA ASN B 398 8.86 -22.53 -16.89
C ASN B 398 9.29 -21.07 -16.64
N TYR B 399 10.49 -20.85 -16.10
CA TYR B 399 10.85 -19.49 -15.71
C TYR B 399 10.88 -18.56 -16.91
N GLU B 400 11.41 -19.03 -18.04
CA GLU B 400 11.52 -18.16 -19.22
C GLU B 400 10.23 -18.10 -20.01
N GLY B 401 9.34 -19.05 -19.83
CA GLY B 401 8.07 -19.04 -20.53
C GLY B 401 8.05 -19.69 -21.88
N ASP B 402 9.15 -20.37 -22.30
CA ASP B 402 9.12 -21.02 -23.60
C ASP B 402 8.32 -22.31 -23.58
N PHE B 403 8.10 -22.88 -22.40
CA PHE B 403 7.46 -24.18 -22.27
C PHE B 403 6.30 -24.12 -21.31
N ILE B 404 5.29 -24.95 -21.57
CA ILE B 404 4.16 -25.13 -20.68
C ILE B 404 4.10 -26.60 -20.30
N ILE B 405 3.73 -26.88 -19.06
CA ILE B 405 3.46 -28.25 -18.63
C ILE B 405 2.01 -28.31 -18.19
N THR B 406 1.27 -29.25 -18.76
CA THR B 406 -0.09 -29.53 -18.31
C THR B 406 -0.12 -30.94 -17.73
N GLY B 407 -0.79 -31.10 -16.60
CA GLY B 407 -1.04 -32.39 -16.00
C GLY B 407 -2.54 -32.64 -16.03
N SER B 408 -2.92 -33.87 -16.33
CA SER B 408 -4.33 -34.20 -16.53
C SER B 408 -4.70 -35.44 -15.72
N LYS B 409 -6.00 -35.67 -15.60
CA LYS B 409 -6.50 -36.86 -14.91
C LYS B 409 -6.45 -38.10 -15.79
N ASP B 410 -6.03 -37.96 -17.04
CA ASP B 410 -5.70 -39.11 -17.88
C ASP B 410 -4.31 -39.65 -17.58
N ASN B 411 -3.65 -39.11 -16.56
CA ASN B 411 -2.34 -39.56 -16.09
C ASN B 411 -1.23 -39.26 -17.09
N THR B 412 -1.42 -38.19 -17.86
CA THR B 412 -0.51 -37.75 -18.91
C THR B 412 -0.09 -36.31 -18.68
N CYS B 413 1.20 -36.02 -18.84
CA CYS B 413 1.70 -34.65 -18.87
C CYS B 413 2.02 -34.29 -20.31
N ARG B 414 1.59 -33.11 -20.75
CA ARG B 414 1.93 -32.59 -22.06
C ARG B 414 2.84 -31.37 -21.90
N ILE B 415 3.95 -31.39 -22.61
CA ILE B 415 4.89 -30.28 -22.65
C ILE B 415 4.65 -29.54 -23.95
N TRP B 416 4.51 -28.22 -23.86
CA TRP B 416 4.33 -27.38 -25.02
C TRP B 416 5.53 -26.45 -25.13
N LYS B 417 5.92 -26.13 -26.35
CA LYS B 417 7.11 -25.29 -26.58
C LYS B 417 6.73 -24.10 -27.44
N ALA B 418 7.19 -22.92 -27.05
CA ALA B 418 6.99 -21.78 -27.92
C ALA B 418 7.96 -21.87 -29.09
N LEU B 419 7.46 -21.56 -30.27
CA LEU B 419 8.25 -21.57 -31.49
C LEU B 419 9.57 -20.83 -31.34
N THR B 420 10.62 -21.39 -31.95
CA THR B 420 11.95 -20.77 -31.98
C THR B 420 12.04 -19.86 -33.19
N ALA B 421 12.43 -18.61 -32.98
CA ALA B 421 12.70 -17.73 -34.11
C ALA B 421 14.00 -18.14 -34.78
N SER B 422 13.98 -18.21 -36.10
CA SER B 422 15.13 -18.66 -36.87
C SER B 422 16.17 -17.56 -37.00
S SO4 C . 4.95 -6.73 32.09
O1 SO4 C . 6.09 -5.89 32.43
O2 SO4 C . 3.71 -6.12 32.54
O3 SO4 C . 4.89 -6.90 30.66
O4 SO4 C . 5.14 -8.05 32.70
S SO4 D . -0.78 -8.56 26.74
O1 SO4 D . -0.60 -7.22 27.31
O2 SO4 D . -1.47 -9.44 27.69
O3 SO4 D . -1.58 -8.45 25.51
O4 SO4 D . 0.54 -9.09 26.41
S SO4 E . 1.35 -52.23 -2.81
O1 SO4 E . 1.52 -50.82 -3.19
O2 SO4 E . 0.23 -52.34 -1.89
O3 SO4 E . 1.08 -53.01 -4.02
O4 SO4 E . 2.58 -52.74 -2.18
#